data_1WVI
#
_entry.id   1WVI
#
_cell.length_a   63.644
_cell.length_b   107.418
_cell.length_c   81.940
_cell.angle_alpha   90.00
_cell.angle_beta   97.40
_cell.angle_gamma   90.00
#
_symmetry.space_group_name_H-M   'P 1 21 1'
#
_entity_poly.entity_id   1
_entity_poly.type   'polypeptide(L)'
_entity_poly.pdbx_seq_one_letter_code
;MTYKGYLIDLDGTIYKGKDRIPAGEDFVKRLQERQLPYILVTNNTTRTPEMVQEMLATSFNIKTPLETIYTATLATIDYM
NDMKRGKTAYVIGETGLKKAVAEAGYREDSENPAYVVVGLDTNLTYEKLTLATLAIQKGAVFIGTNPDLNIPTERGLLPG
AGAILFLLEKATRVKPIIIGKPEAVIMNKALDRLGVKRHEAIMVGDNYLTDITAGIKNDIATLLVTTGFTKPEEVPALPI
QPDFVLSSLAEWDFDER
;
_entity_poly.pdbx_strand_id   A,B,C,D
#
# COMPACT_ATOMS: atom_id res chain seq x y z
N THR A 2 -8.59 -35.36 -16.53
CA THR A 2 -7.64 -36.24 -15.78
C THR A 2 -6.35 -35.48 -15.48
N TYR A 3 -5.97 -35.40 -14.21
CA TYR A 3 -4.75 -34.70 -13.84
C TYR A 3 -3.58 -35.66 -13.93
N LYS A 4 -2.51 -35.23 -14.59
CA LYS A 4 -1.33 -36.06 -14.78
C LYS A 4 -0.19 -35.81 -13.80
N GLY A 5 -0.21 -34.66 -13.12
CA GLY A 5 0.86 -34.35 -12.18
C GLY A 5 0.34 -33.64 -10.94
N TYR A 6 1.03 -33.83 -9.82
CA TYR A 6 0.60 -33.22 -8.57
C TYR A 6 1.66 -32.40 -7.86
N LEU A 7 1.32 -31.16 -7.51
CA LEU A 7 2.20 -30.29 -6.75
C LEU A 7 1.54 -30.34 -5.36
N ILE A 8 2.33 -30.62 -4.33
CA ILE A 8 1.76 -30.77 -2.99
C ILE A 8 2.49 -30.04 -1.89
N ASP A 9 1.73 -29.33 -1.05
CA ASP A 9 2.30 -28.61 0.08
C ASP A 9 2.65 -29.63 1.16
N LEU A 10 3.67 -29.32 1.96
CA LEU A 10 4.10 -30.25 3.01
C LEU A 10 3.35 -30.07 4.32
N ASP A 11 3.82 -29.15 5.16
CA ASP A 11 3.19 -28.95 6.44
C ASP A 11 1.74 -28.45 6.32
N GLY A 12 0.86 -29.15 7.03
CA GLY A 12 -0.55 -28.81 7.02
C GLY A 12 -1.35 -29.67 6.07
N THR A 13 -0.66 -30.32 5.14
CA THR A 13 -1.33 -31.15 4.15
C THR A 13 -1.12 -32.64 4.32
N ILE A 14 0.14 -33.08 4.31
CA ILE A 14 0.43 -34.50 4.48
C ILE A 14 0.86 -34.81 5.92
N TYR A 15 0.72 -33.80 6.78
CA TYR A 15 1.02 -33.89 8.20
C TYR A 15 0.81 -32.49 8.77
N LYS A 16 0.72 -32.39 10.09
CA LYS A 16 0.50 -31.08 10.71
C LYS A 16 1.28 -30.95 12.02
N GLY A 17 2.28 -30.07 12.02
CA GLY A 17 3.11 -29.88 13.20
C GLY A 17 3.86 -31.17 13.47
N LYS A 18 3.82 -31.63 14.72
CA LYS A 18 4.48 -32.87 15.10
C LYS A 18 3.51 -34.02 14.84
N ASP A 19 2.22 -33.67 14.71
CA ASP A 19 1.16 -34.63 14.46
C ASP A 19 1.14 -35.03 13.00
N ARG A 20 0.69 -36.25 12.72
CA ARG A 20 0.62 -36.72 11.35
C ARG A 20 -0.81 -36.80 10.83
N ILE A 21 -0.93 -36.98 9.52
CA ILE A 21 -2.22 -37.10 8.88
C ILE A 21 -2.14 -38.34 8.01
N PRO A 22 -2.62 -39.48 8.53
CA PRO A 22 -2.59 -40.74 7.79
C PRO A 22 -3.13 -40.65 6.36
N ALA A 23 -4.18 -39.86 6.16
CA ALA A 23 -4.77 -39.68 4.84
C ALA A 23 -3.72 -39.04 3.92
N GLY A 24 -2.94 -38.12 4.48
CA GLY A 24 -1.91 -37.46 3.69
C GLY A 24 -0.82 -38.43 3.28
N GLU A 25 -0.34 -39.20 4.25
CA GLU A 25 0.71 -40.18 3.99
C GLU A 25 0.24 -41.16 2.94
N ASP A 26 -1.03 -41.57 3.06
CA ASP A 26 -1.63 -42.51 2.12
C ASP A 26 -1.73 -41.91 0.73
N PHE A 27 -2.01 -40.61 0.67
CA PHE A 27 -2.12 -39.90 -0.61
C PHE A 27 -0.84 -40.04 -1.42
N VAL A 28 0.31 -39.85 -0.76
CA VAL A 28 1.59 -39.98 -1.45
C VAL A 28 1.79 -41.43 -1.88
N LYS A 29 1.51 -42.35 -0.96
CA LYS A 29 1.68 -43.76 -1.28
C LYS A 29 0.82 -44.14 -2.48
N ARG A 30 -0.41 -43.64 -2.51
CA ARG A 30 -1.28 -43.94 -3.64
C ARG A 30 -0.69 -43.40 -4.93
N LEU A 31 -0.14 -42.18 -4.88
CA LEU A 31 0.47 -41.56 -6.05
C LEU A 31 1.62 -42.44 -6.53
N GLN A 32 2.44 -42.90 -5.60
CA GLN A 32 3.59 -43.74 -5.93
C GLN A 32 3.12 -45.03 -6.59
N GLU A 33 2.02 -45.58 -6.09
CA GLU A 33 1.47 -46.81 -6.64
C GLU A 33 1.00 -46.65 -8.08
N ARG A 34 0.36 -45.52 -8.39
CA ARG A 34 -0.12 -45.27 -9.75
C ARG A 34 1.03 -44.76 -10.60
N GLN A 35 2.16 -44.51 -9.96
CA GLN A 35 3.33 -43.98 -10.65
C GLN A 35 2.99 -42.62 -11.27
N LEU A 36 2.21 -41.83 -10.53
CA LEU A 36 1.86 -40.50 -10.99
C LEU A 36 2.93 -39.55 -10.49
N PRO A 37 3.47 -38.71 -11.38
CA PRO A 37 4.52 -37.77 -10.96
C PRO A 37 4.00 -36.77 -9.93
N TYR A 38 4.86 -36.35 -9.02
CA TYR A 38 4.46 -35.39 -8.00
C TYR A 38 5.70 -34.71 -7.41
N ILE A 39 5.53 -33.48 -6.95
CA ILE A 39 6.61 -32.73 -6.33
C ILE A 39 6.05 -32.10 -5.07
N LEU A 40 6.78 -32.24 -3.97
CA LEU A 40 6.36 -31.65 -2.70
C LEU A 40 6.98 -30.27 -2.71
N VAL A 41 6.16 -29.23 -2.56
CA VAL A 41 6.65 -27.86 -2.57
C VAL A 41 6.45 -27.19 -1.24
N THR A 42 7.55 -26.67 -0.67
CA THR A 42 7.51 -26.00 0.62
C THR A 42 8.27 -24.66 0.59
N ASN A 43 7.77 -23.69 1.34
CA ASN A 43 8.39 -22.37 1.43
C ASN A 43 9.44 -22.37 2.55
N ASN A 44 9.58 -23.49 3.24
CA ASN A 44 10.54 -23.60 4.34
C ASN A 44 11.96 -23.46 3.82
N THR A 45 12.76 -22.60 4.44
CA THR A 45 14.14 -22.39 4.00
C THR A 45 15.19 -22.87 5.01
N THR A 46 14.76 -23.52 6.09
CA THR A 46 15.71 -23.98 7.10
C THR A 46 16.22 -25.40 6.89
N ARG A 47 15.32 -26.31 6.52
CA ARG A 47 15.72 -27.70 6.31
C ARG A 47 16.08 -28.00 4.86
N THR A 48 17.19 -28.72 4.66
CA THR A 48 17.63 -29.09 3.33
C THR A 48 16.73 -30.20 2.80
N PRO A 49 16.80 -30.48 1.49
CA PRO A 49 15.95 -31.53 0.93
C PRO A 49 16.18 -32.85 1.67
N GLU A 50 17.44 -33.14 1.98
CA GLU A 50 17.81 -34.36 2.69
C GLU A 50 17.12 -34.39 4.05
N MET A 51 17.22 -33.30 4.79
CA MET A 51 16.60 -33.23 6.10
C MET A 51 15.10 -33.48 5.95
N VAL A 52 14.49 -32.83 4.95
CA VAL A 52 13.05 -33.00 4.71
C VAL A 52 12.74 -34.45 4.38
N GLN A 53 13.54 -35.04 3.50
CA GLN A 53 13.34 -36.43 3.11
C GLN A 53 13.39 -37.37 4.33
N GLU A 54 14.43 -37.19 5.14
CA GLU A 54 14.60 -38.00 6.34
C GLU A 54 13.45 -37.82 7.31
N MET A 55 13.03 -36.57 7.53
CA MET A 55 11.92 -36.28 8.44
C MET A 55 10.68 -37.05 8.00
N LEU A 56 10.39 -37.00 6.70
CA LEU A 56 9.22 -37.68 6.15
C LEU A 56 9.21 -39.19 6.39
N ALA A 57 10.35 -39.82 6.17
CA ALA A 57 10.49 -41.27 6.36
C ALA A 57 10.51 -41.66 7.83
N THR A 58 11.27 -40.90 8.62
CA THR A 58 11.41 -41.17 10.05
C THR A 58 10.18 -40.84 10.89
N SER A 59 9.53 -39.72 10.62
CA SER A 59 8.38 -39.32 11.43
C SER A 59 7.00 -39.53 10.81
N PHE A 60 6.93 -39.78 9.51
CA PHE A 60 5.62 -39.93 8.88
C PHE A 60 5.45 -41.08 7.89
N ASN A 61 6.31 -42.08 7.96
CA ASN A 61 6.22 -43.24 7.08
C ASN A 61 6.16 -42.91 5.60
N ILE A 62 6.71 -41.75 5.24
CA ILE A 62 6.72 -41.35 3.84
C ILE A 62 8.14 -41.45 3.31
N LYS A 63 8.32 -42.33 2.33
CA LYS A 63 9.63 -42.50 1.73
C LYS A 63 9.49 -42.01 0.29
N THR A 64 10.13 -40.89 -0.01
CA THR A 64 10.05 -40.32 -1.35
C THR A 64 11.44 -39.96 -1.85
N PRO A 65 11.67 -40.09 -3.17
CA PRO A 65 12.97 -39.75 -3.77
C PRO A 65 13.34 -38.31 -3.43
N LEU A 66 14.64 -38.04 -3.35
CA LEU A 66 15.11 -36.70 -3.02
C LEU A 66 14.67 -35.65 -4.03
N GLU A 67 14.56 -36.04 -5.29
CA GLU A 67 14.17 -35.13 -6.36
C GLU A 67 12.72 -34.69 -6.33
N THR A 68 11.91 -35.29 -5.45
CA THR A 68 10.51 -34.89 -5.36
C THR A 68 10.32 -33.75 -4.36
N ILE A 69 11.40 -33.37 -3.68
CA ILE A 69 11.35 -32.32 -2.69
C ILE A 69 11.91 -31.02 -3.24
N TYR A 70 11.03 -30.03 -3.44
CA TYR A 70 11.45 -28.75 -3.99
C TYR A 70 11.13 -27.62 -3.01
N THR A 71 12.17 -26.98 -2.49
CA THR A 71 11.98 -25.92 -1.51
C THR A 71 12.22 -24.55 -2.09
N ALA A 72 11.88 -23.52 -1.32
CA ALA A 72 12.06 -22.15 -1.76
C ALA A 72 13.55 -21.87 -1.89
N THR A 73 14.36 -22.57 -1.10
CA THR A 73 15.81 -22.38 -1.16
C THR A 73 16.30 -22.85 -2.55
N LEU A 74 15.86 -24.02 -2.97
CA LEU A 74 16.27 -24.56 -4.27
C LEU A 74 15.79 -23.64 -5.39
N ALA A 75 14.53 -23.23 -5.31
CA ALA A 75 13.97 -22.35 -6.32
C ALA A 75 14.77 -21.05 -6.41
N THR A 76 15.13 -20.49 -5.25
CA THR A 76 15.90 -19.25 -5.21
C THR A 76 17.27 -19.40 -5.88
N ILE A 77 17.96 -20.49 -5.57
CA ILE A 77 19.26 -20.73 -6.17
C ILE A 77 19.12 -20.94 -7.67
N ASP A 78 18.10 -21.68 -8.10
CA ASP A 78 17.89 -21.88 -9.54
C ASP A 78 17.71 -20.54 -10.23
N TYR A 79 16.90 -19.69 -9.60
CA TYR A 79 16.63 -18.36 -10.17
C TYR A 79 17.93 -17.57 -10.24
N MET A 80 18.70 -17.59 -9.16
CA MET A 80 19.97 -16.87 -9.13
C MET A 80 20.86 -17.35 -10.28
N ASN A 81 20.93 -18.67 -10.45
CA ASN A 81 21.74 -19.24 -11.54
C ASN A 81 21.23 -18.83 -12.92
N ASP A 82 19.91 -18.77 -13.08
CA ASP A 82 19.31 -18.37 -14.35
C ASP A 82 19.60 -16.92 -14.73
N MET A 83 19.45 -16.01 -13.77
CA MET A 83 19.67 -14.59 -14.04
C MET A 83 21.15 -14.30 -14.34
N LYS A 84 22.00 -15.18 -13.85
CA LYS A 84 23.44 -15.09 -14.07
C LYS A 84 24.12 -13.72 -13.93
N ARG A 85 24.16 -13.21 -12.71
CA ARG A 85 24.86 -11.96 -12.45
C ARG A 85 26.00 -12.42 -11.53
N GLY A 86 26.85 -11.50 -11.09
CA GLY A 86 27.96 -11.90 -10.25
C GLY A 86 27.77 -13.12 -9.35
N LYS A 87 28.84 -13.85 -9.06
CA LYS A 87 28.74 -15.03 -8.20
C LYS A 87 28.95 -14.67 -6.74
N THR A 88 28.33 -13.57 -6.32
CA THR A 88 28.42 -13.12 -4.94
C THR A 88 27.03 -12.75 -4.42
N ALA A 89 26.85 -12.90 -3.12
CA ALA A 89 25.57 -12.59 -2.53
C ALA A 89 25.69 -12.34 -1.04
N TYR A 90 24.81 -11.48 -0.53
CA TYR A 90 24.75 -11.23 0.88
C TYR A 90 23.43 -11.87 1.24
N VAL A 91 23.47 -12.76 2.23
CA VAL A 91 22.25 -13.47 2.61
C VAL A 91 21.83 -13.27 4.04
N ILE A 92 20.53 -13.02 4.20
CA ILE A 92 19.93 -12.88 5.52
C ILE A 92 19.04 -14.11 5.67
N GLY A 93 19.31 -14.92 6.69
CA GLY A 93 18.50 -16.10 6.90
C GLY A 93 19.17 -17.04 7.89
N GLU A 94 18.60 -18.23 8.05
CA GLU A 94 19.17 -19.22 8.94
C GLU A 94 20.45 -19.75 8.32
N THR A 95 21.29 -20.38 9.14
CA THR A 95 22.55 -20.92 8.67
C THR A 95 22.38 -21.84 7.45
N GLY A 96 21.30 -22.62 7.46
CA GLY A 96 21.04 -23.53 6.35
C GLY A 96 20.95 -22.82 5.00
N LEU A 97 20.18 -21.73 4.95
CA LEU A 97 20.02 -20.97 3.71
C LEU A 97 21.34 -20.32 3.29
N LYS A 98 22.04 -19.73 4.24
CA LYS A 98 23.30 -19.07 3.92
C LYS A 98 24.31 -20.09 3.39
N LYS A 99 24.30 -21.29 3.96
CA LYS A 99 25.21 -22.33 3.53
C LYS A 99 24.87 -22.79 2.12
N ALA A 100 23.59 -23.10 1.88
CA ALA A 100 23.17 -23.56 0.56
C ALA A 100 23.55 -22.59 -0.55
N VAL A 101 23.42 -21.29 -0.30
CA VAL A 101 23.75 -20.29 -1.31
C VAL A 101 25.26 -20.25 -1.55
N ALA A 102 26.05 -20.30 -0.49
CA ALA A 102 27.50 -20.25 -0.63
C ALA A 102 27.98 -21.49 -1.38
N GLU A 103 27.42 -22.64 -1.03
CA GLU A 103 27.81 -23.89 -1.68
C GLU A 103 27.35 -23.95 -3.13
N ALA A 104 26.37 -23.12 -3.46
CA ALA A 104 25.86 -23.08 -4.83
C ALA A 104 26.79 -22.21 -5.68
N GLY A 105 27.85 -21.70 -5.05
CA GLY A 105 28.80 -20.87 -5.78
C GLY A 105 28.77 -19.36 -5.52
N TYR A 106 27.96 -18.92 -4.58
CA TYR A 106 27.89 -17.49 -4.29
C TYR A 106 28.55 -17.19 -2.97
N ARG A 107 29.77 -16.68 -3.01
CA ARG A 107 30.47 -16.38 -1.77
C ARG A 107 29.88 -15.13 -1.13
N GLU A 108 29.88 -15.10 0.20
CA GLU A 108 29.35 -13.98 0.93
C GLU A 108 30.17 -12.72 0.71
N ASP A 109 29.49 -11.65 0.31
CA ASP A 109 30.11 -10.34 0.08
C ASP A 109 29.10 -9.35 0.65
N SER A 110 29.42 -8.75 1.79
CA SER A 110 28.51 -7.80 2.40
C SER A 110 28.70 -6.37 1.91
N GLU A 111 29.61 -6.18 0.97
CA GLU A 111 29.89 -4.85 0.44
C GLU A 111 29.27 -4.57 -0.91
N ASN A 112 29.60 -5.38 -1.91
CA ASN A 112 29.04 -5.17 -3.24
C ASN A 112 28.54 -6.46 -3.87
N PRO A 113 27.69 -7.20 -3.15
CA PRO A 113 27.17 -8.45 -3.72
C PRO A 113 26.33 -8.22 -4.97
N ALA A 114 26.30 -9.22 -5.84
CA ALA A 114 25.51 -9.11 -7.06
C ALA A 114 24.05 -9.37 -6.67
N TYR A 115 23.86 -10.14 -5.61
CA TYR A 115 22.53 -10.49 -5.13
C TYR A 115 22.42 -10.27 -3.63
N VAL A 116 21.23 -9.92 -3.18
CA VAL A 116 20.93 -9.78 -1.75
C VAL A 116 19.71 -10.68 -1.59
N VAL A 117 19.90 -11.78 -0.86
CA VAL A 117 18.85 -12.77 -0.67
C VAL A 117 18.38 -12.75 0.77
N VAL A 118 17.07 -12.69 0.94
CA VAL A 118 16.51 -12.63 2.28
C VAL A 118 15.39 -13.59 2.57
N GLY A 119 15.57 -14.35 3.66
CA GLY A 119 14.57 -15.29 4.12
C GLY A 119 14.47 -15.01 5.62
N LEU A 120 13.70 -15.83 6.32
CA LEU A 120 13.55 -15.66 7.76
C LEU A 120 14.91 -15.83 8.47
N ASP A 121 15.17 -14.96 9.44
CA ASP A 121 16.41 -15.03 10.23
C ASP A 121 16.01 -14.74 11.67
N THR A 122 15.94 -15.78 12.49
CA THR A 122 15.57 -15.58 13.89
C THR A 122 16.67 -14.88 14.68
N ASN A 123 17.77 -14.55 13.99
CA ASN A 123 18.85 -13.83 14.65
C ASN A 123 19.07 -12.49 13.95
N LEU A 124 17.99 -12.00 13.36
CA LEU A 124 18.04 -10.72 12.64
C LEU A 124 18.57 -9.63 13.56
N THR A 125 19.40 -8.74 13.01
CA THR A 125 19.94 -7.62 13.77
C THR A 125 19.87 -6.39 12.86
N TYR A 126 19.96 -5.22 13.49
CA TYR A 126 19.93 -3.99 12.72
C TYR A 126 21.11 -3.97 11.74
N GLU A 127 22.26 -4.43 12.21
CA GLU A 127 23.46 -4.46 11.37
C GLU A 127 23.24 -5.26 10.08
N LYS A 128 22.59 -6.42 10.18
CA LYS A 128 22.33 -7.23 8.98
C LYS A 128 21.39 -6.51 8.02
N LEU A 129 20.38 -5.82 8.56
CA LEU A 129 19.40 -5.07 7.78
C LEU A 129 20.13 -3.93 7.09
N THR A 130 21.03 -3.30 7.85
CA THR A 130 21.81 -2.21 7.30
C THR A 130 22.68 -2.69 6.15
N LEU A 131 23.35 -3.82 6.36
CA LEU A 131 24.22 -4.38 5.33
C LEU A 131 23.40 -4.63 4.05
N ALA A 132 22.25 -5.26 4.22
CA ALA A 132 21.36 -5.55 3.09
C ALA A 132 20.87 -4.26 2.41
N THR A 133 20.45 -3.31 3.22
CA THR A 133 19.95 -2.05 2.70
C THR A 133 20.96 -1.35 1.83
N LEU A 134 22.18 -1.21 2.35
CA LEU A 134 23.26 -0.55 1.62
C LEU A 134 23.58 -1.26 0.32
N ALA A 135 23.65 -2.59 0.39
CA ALA A 135 23.96 -3.39 -0.79
C ALA A 135 22.87 -3.24 -1.87
N ILE A 136 21.60 -3.27 -1.44
CA ILE A 136 20.51 -3.11 -2.38
C ILE A 136 20.61 -1.75 -3.05
N GLN A 137 20.87 -0.72 -2.25
CA GLN A 137 20.98 0.62 -2.77
C GLN A 137 22.06 0.71 -3.85
N LYS A 138 23.13 -0.07 -3.68
CA LYS A 138 24.22 -0.05 -4.64
C LYS A 138 23.90 -0.81 -5.94
N GLY A 139 22.74 -1.46 -6.00
CA GLY A 139 22.37 -2.18 -7.22
C GLY A 139 22.23 -3.69 -7.14
N ALA A 140 22.46 -4.28 -5.97
CA ALA A 140 22.31 -5.72 -5.85
C ALA A 140 20.87 -6.15 -6.19
N VAL A 141 20.74 -7.33 -6.80
CA VAL A 141 19.41 -7.84 -7.15
C VAL A 141 18.78 -8.32 -5.84
N PHE A 142 17.67 -7.70 -5.47
CA PHE A 142 16.94 -7.98 -4.24
C PHE A 142 15.94 -9.13 -4.38
N ILE A 143 16.26 -10.25 -3.72
CA ILE A 143 15.42 -11.44 -3.77
C ILE A 143 14.89 -11.90 -2.40
N GLY A 144 13.61 -12.27 -2.36
CA GLY A 144 13.00 -12.75 -1.14
C GLY A 144 12.70 -14.24 -1.33
N THR A 145 13.00 -15.06 -0.33
CA THR A 145 12.74 -16.49 -0.48
C THR A 145 11.24 -16.81 -0.44
N ASN A 146 10.52 -16.15 0.47
CA ASN A 146 9.08 -16.35 0.58
C ASN A 146 8.38 -15.10 1.14
N PRO A 147 7.10 -14.89 0.80
CA PRO A 147 6.32 -13.74 1.24
C PRO A 147 5.58 -13.78 2.57
N ASP A 148 5.51 -14.95 3.18
CA ASP A 148 4.79 -15.12 4.43
C ASP A 148 5.05 -14.01 5.45
N LEU A 149 3.98 -13.36 5.89
CA LEU A 149 4.11 -12.27 6.85
C LEU A 149 4.37 -12.80 8.25
N ASN A 150 3.93 -14.03 8.50
CA ASN A 150 4.15 -14.65 9.80
C ASN A 150 4.70 -16.05 9.66
N ILE A 151 5.26 -16.55 10.78
CA ILE A 151 5.79 -17.90 10.86
C ILE A 151 5.12 -18.43 12.13
N PRO A 152 4.30 -19.47 12.01
CA PRO A 152 3.65 -20.02 13.20
C PRO A 152 4.62 -20.92 13.98
N THR A 153 4.85 -20.60 15.25
CA THR A 153 5.74 -21.39 16.08
C THR A 153 5.01 -21.78 17.36
N GLU A 154 5.62 -22.66 18.15
CA GLU A 154 5.01 -23.09 19.39
C GLU A 154 4.86 -21.87 20.29
N ARG A 155 5.63 -20.83 19.98
CA ARG A 155 5.58 -19.61 20.77
C ARG A 155 4.46 -18.67 20.30
N GLY A 156 3.93 -18.92 19.09
CA GLY A 156 2.87 -18.09 18.56
C GLY A 156 3.13 -17.61 17.14
N LEU A 157 2.35 -16.64 16.68
CA LEU A 157 2.52 -16.10 15.32
C LEU A 157 3.63 -15.06 15.29
N LEU A 158 4.84 -15.47 14.95
CA LEU A 158 5.97 -14.56 14.91
C LEU A 158 6.19 -13.95 13.52
N PRO A 159 7.05 -12.92 13.44
CA PRO A 159 7.37 -12.23 12.17
C PRO A 159 7.97 -13.18 11.15
N GLY A 160 7.41 -13.19 9.95
CA GLY A 160 7.92 -14.06 8.89
C GLY A 160 8.86 -13.34 7.95
N ALA A 161 9.39 -14.08 6.99
CA ALA A 161 10.31 -13.53 6.01
C ALA A 161 9.66 -12.30 5.32
N GLY A 162 8.38 -12.41 4.95
CA GLY A 162 7.70 -11.31 4.28
C GLY A 162 7.69 -10.02 5.10
N ALA A 163 7.64 -10.13 6.43
CA ALA A 163 7.66 -8.93 7.25
C ALA A 163 9.03 -8.27 7.16
N ILE A 164 10.09 -9.07 7.21
CA ILE A 164 11.45 -8.56 7.09
C ILE A 164 11.62 -7.93 5.71
N LEU A 165 11.12 -8.62 4.69
CA LEU A 165 11.21 -8.12 3.32
C LEU A 165 10.58 -6.73 3.20
N PHE A 166 9.41 -6.54 3.83
CA PHE A 166 8.75 -5.24 3.75
C PHE A 166 9.57 -4.12 4.41
N LEU A 167 10.26 -4.46 5.50
CA LEU A 167 11.11 -3.47 6.15
C LEU A 167 12.14 -3.01 5.13
N LEU A 168 12.78 -3.96 4.46
CA LEU A 168 13.81 -3.62 3.47
C LEU A 168 13.22 -2.89 2.26
N GLU A 169 12.04 -3.31 1.82
CA GLU A 169 11.42 -2.66 0.68
C GLU A 169 11.18 -1.20 1.02
N LYS A 170 10.66 -0.94 2.22
CA LYS A 170 10.41 0.44 2.65
C LYS A 170 11.70 1.25 2.74
N ALA A 171 12.74 0.65 3.33
CA ALA A 171 14.02 1.34 3.50
C ALA A 171 14.78 1.63 2.21
N THR A 172 14.60 0.79 1.20
CA THR A 172 15.32 0.95 -0.07
C THR A 172 14.46 1.41 -1.24
N ARG A 173 13.14 1.28 -1.12
CA ARG A 173 12.22 1.65 -2.18
C ARG A 173 12.28 0.67 -3.35
N VAL A 174 12.91 -0.48 -3.16
CA VAL A 174 12.91 -1.47 -4.24
C VAL A 174 12.11 -2.72 -3.81
N LYS A 175 11.17 -3.12 -4.65
CA LYS A 175 10.34 -4.30 -4.39
C LYS A 175 11.18 -5.54 -4.65
N PRO A 176 11.21 -6.46 -3.70
CA PRO A 176 11.99 -7.67 -3.90
C PRO A 176 11.31 -8.64 -4.85
N ILE A 177 12.09 -9.38 -5.62
CA ILE A 177 11.49 -10.39 -6.47
C ILE A 177 11.39 -11.57 -5.50
N ILE A 178 10.16 -12.01 -5.25
CA ILE A 178 9.89 -13.10 -4.32
C ILE A 178 9.68 -14.43 -5.04
N ILE A 179 10.44 -15.42 -4.60
CA ILE A 179 10.43 -16.76 -5.19
C ILE A 179 9.33 -17.75 -4.76
N GLY A 180 9.17 -17.93 -3.45
CA GLY A 180 8.19 -18.87 -2.94
C GLY A 180 6.71 -18.69 -3.21
N LYS A 181 5.94 -19.70 -2.82
CA LYS A 181 4.49 -19.68 -3.01
C LYS A 181 3.94 -18.46 -2.29
N PRO A 182 2.92 -17.80 -2.87
CA PRO A 182 2.27 -18.18 -4.12
C PRO A 182 2.83 -17.54 -5.40
N GLU A 183 4.08 -17.08 -5.37
CA GLU A 183 4.63 -16.44 -6.58
C GLU A 183 4.98 -17.40 -7.72
N ALA A 184 5.17 -16.82 -8.90
CA ALA A 184 5.44 -17.59 -10.12
C ALA A 184 6.67 -18.48 -10.23
N VAL A 185 7.83 -17.97 -9.85
CA VAL A 185 9.05 -18.76 -10.00
C VAL A 185 9.08 -20.15 -9.39
N ILE A 186 8.70 -20.28 -8.13
CA ILE A 186 8.74 -21.61 -7.53
C ILE A 186 7.72 -22.52 -8.22
N MET A 187 6.58 -21.98 -8.61
CA MET A 187 5.56 -22.80 -9.24
C MET A 187 6.02 -23.24 -10.65
N ASN A 188 6.63 -22.33 -11.40
CA ASN A 188 7.11 -22.64 -12.74
C ASN A 188 8.17 -23.74 -12.69
N LYS A 189 9.12 -23.60 -11.77
CA LYS A 189 10.17 -24.59 -11.65
C LYS A 189 9.63 -25.92 -11.14
N ALA A 190 8.72 -25.88 -10.16
CA ALA A 190 8.16 -27.13 -9.65
C ALA A 190 7.43 -27.83 -10.81
N LEU A 191 6.70 -27.03 -11.58
CA LEU A 191 5.94 -27.56 -12.71
C LEU A 191 6.91 -28.21 -13.69
N ASP A 192 8.07 -27.58 -13.85
CA ASP A 192 9.09 -28.07 -14.76
C ASP A 192 9.59 -29.43 -14.31
N ARG A 193 9.88 -29.57 -13.03
CA ARG A 193 10.35 -30.85 -12.50
C ARG A 193 9.24 -31.88 -12.58
N LEU A 194 8.00 -31.42 -12.50
CA LEU A 194 6.85 -32.33 -12.56
C LEU A 194 6.79 -33.02 -13.92
N GLY A 195 7.29 -32.35 -14.96
CA GLY A 195 7.32 -32.91 -16.29
C GLY A 195 5.98 -33.01 -16.99
N VAL A 196 5.04 -32.18 -16.57
CA VAL A 196 3.71 -32.18 -17.16
C VAL A 196 3.34 -30.78 -17.64
N LYS A 197 2.34 -30.68 -18.50
CA LYS A 197 1.91 -29.37 -18.97
C LYS A 197 1.08 -28.68 -17.86
N ARG A 198 1.14 -27.35 -17.82
CA ARG A 198 0.44 -26.57 -16.80
C ARG A 198 -1.01 -26.97 -16.55
N HIS A 199 -1.78 -27.16 -17.62
CA HIS A 199 -3.18 -27.53 -17.44
C HIS A 199 -3.38 -28.98 -17.03
N GLU A 200 -2.29 -29.74 -16.96
CA GLU A 200 -2.40 -31.15 -16.57
C GLU A 200 -2.02 -31.32 -15.10
N ALA A 201 -1.56 -30.25 -14.48
CA ALA A 201 -1.14 -30.32 -13.08
C ALA A 201 -2.22 -29.78 -12.16
N ILE A 202 -2.04 -30.04 -10.86
CA ILE A 202 -2.95 -29.53 -9.85
C ILE A 202 -2.16 -29.33 -8.56
N MET A 203 -2.40 -28.20 -7.89
CA MET A 203 -1.72 -27.85 -6.64
C MET A 203 -2.60 -28.29 -5.47
N VAL A 204 -2.05 -29.11 -4.59
CA VAL A 204 -2.77 -29.64 -3.42
C VAL A 204 -2.22 -29.04 -2.14
N GLY A 205 -3.10 -28.43 -1.35
CA GLY A 205 -2.66 -27.82 -0.10
C GLY A 205 -3.75 -27.57 0.91
N ASP A 206 -3.35 -27.07 2.07
CA ASP A 206 -4.26 -26.79 3.18
C ASP A 206 -4.41 -25.28 3.45
N ASN A 207 -3.49 -24.50 2.89
CA ASN A 207 -3.48 -23.06 3.10
C ASN A 207 -3.97 -22.28 1.89
N TYR A 208 -5.12 -21.63 2.03
CA TYR A 208 -5.68 -20.87 0.92
C TYR A 208 -4.74 -19.81 0.35
N LEU A 209 -4.20 -18.98 1.23
CA LEU A 209 -3.32 -17.90 0.81
C LEU A 209 -1.99 -18.29 0.15
N THR A 210 -1.37 -19.35 0.65
CA THR A 210 -0.09 -19.77 0.11
C THR A 210 -0.17 -20.83 -0.99
N ASP A 211 -1.04 -21.82 -0.80
CA ASP A 211 -1.17 -22.90 -1.78
C ASP A 211 -2.21 -22.71 -2.88
N ILE A 212 -3.44 -22.39 -2.49
CA ILE A 212 -4.52 -22.22 -3.46
C ILE A 212 -4.31 -20.99 -4.33
N THR A 213 -3.89 -19.90 -3.70
CA THR A 213 -3.65 -18.66 -4.43
C THR A 213 -2.51 -18.91 -5.38
N ALA A 214 -1.61 -19.80 -4.99
CA ALA A 214 -0.48 -20.14 -5.84
C ALA A 214 -1.00 -20.73 -7.14
N GLY A 215 -2.08 -21.51 -7.04
CA GLY A 215 -2.67 -22.11 -8.22
C GLY A 215 -3.41 -21.09 -9.05
N ILE A 216 -4.40 -20.45 -8.44
CA ILE A 216 -5.22 -19.44 -9.09
C ILE A 216 -4.38 -18.37 -9.80
N LYS A 217 -3.46 -17.77 -9.06
CA LYS A 217 -2.60 -16.72 -9.60
C LYS A 217 -1.75 -17.18 -10.79
N ASN A 218 -1.34 -18.44 -10.78
CA ASN A 218 -0.49 -18.97 -11.84
C ASN A 218 -1.17 -19.89 -12.83
N ASP A 219 -2.50 -19.85 -12.84
CA ASP A 219 -3.27 -20.65 -13.76
C ASP A 219 -3.01 -22.14 -13.63
N ILE A 220 -3.11 -22.63 -12.40
CA ILE A 220 -2.94 -24.06 -12.12
C ILE A 220 -4.11 -24.48 -11.25
N ALA A 221 -4.72 -25.61 -11.60
CA ALA A 221 -5.85 -26.14 -10.88
C ALA A 221 -5.50 -26.28 -9.40
N THR A 222 -6.52 -26.26 -8.54
CA THR A 222 -6.29 -26.35 -7.11
C THR A 222 -7.22 -27.29 -6.35
N LEU A 223 -6.63 -27.96 -5.35
CA LEU A 223 -7.35 -28.88 -4.49
C LEU A 223 -7.06 -28.42 -3.08
N LEU A 224 -8.09 -27.92 -2.40
CA LEU A 224 -7.94 -27.43 -1.03
C LEU A 224 -8.46 -28.48 -0.04
N VAL A 225 -7.63 -28.84 0.92
CA VAL A 225 -8.03 -29.81 1.95
C VAL A 225 -8.27 -29.01 3.22
N THR A 226 -9.48 -29.09 3.75
CA THR A 226 -9.86 -28.36 4.96
C THR A 226 -9.05 -28.68 6.20
N THR A 227 -8.03 -29.52 6.05
CA THR A 227 -7.18 -29.82 7.19
C THR A 227 -6.27 -28.60 7.27
N GLY A 228 -5.33 -28.58 8.20
CA GLY A 228 -4.42 -27.45 8.31
C GLY A 228 -5.00 -26.06 8.48
N PHE A 229 -4.19 -25.07 8.12
CA PHE A 229 -4.52 -23.66 8.24
C PHE A 229 -5.97 -23.22 7.97
N THR A 230 -6.38 -23.26 6.71
CA THR A 230 -7.72 -22.83 6.34
C THR A 230 -8.81 -23.76 6.85
N LYS A 231 -9.54 -23.30 7.88
CA LYS A 231 -10.63 -24.08 8.46
C LYS A 231 -11.77 -24.24 7.46
N PRO A 232 -12.52 -25.36 7.57
CA PRO A 232 -13.64 -25.64 6.67
C PRO A 232 -14.79 -24.62 6.67
N GLU A 233 -14.95 -23.88 7.76
CA GLU A 233 -16.02 -22.88 7.85
C GLU A 233 -15.65 -21.62 7.07
N GLU A 234 -14.35 -21.43 6.87
CA GLU A 234 -13.85 -20.26 6.17
C GLU A 234 -13.98 -20.35 4.64
N VAL A 235 -14.18 -21.56 4.12
CA VAL A 235 -14.26 -21.73 2.68
C VAL A 235 -15.38 -20.98 1.95
N PRO A 236 -16.59 -20.90 2.54
CA PRO A 236 -17.66 -20.18 1.82
C PRO A 236 -17.31 -18.71 1.55
N ALA A 237 -16.53 -18.12 2.45
CA ALA A 237 -16.15 -16.71 2.33
C ALA A 237 -14.94 -16.42 1.44
N LEU A 238 -14.26 -17.46 0.95
CA LEU A 238 -13.09 -17.27 0.10
C LEU A 238 -13.44 -16.45 -1.15
N PRO A 239 -12.58 -15.50 -1.53
CA PRO A 239 -12.84 -14.67 -2.72
C PRO A 239 -12.93 -15.48 -4.02
N ILE A 240 -12.10 -16.51 -4.13
CA ILE A 240 -12.08 -17.40 -5.29
C ILE A 240 -12.10 -18.82 -4.77
N GLN A 241 -13.11 -19.59 -5.16
CA GLN A 241 -13.21 -20.97 -4.71
C GLN A 241 -12.17 -21.84 -5.41
N PRO A 242 -11.55 -22.77 -4.67
CA PRO A 242 -10.57 -23.62 -5.36
C PRO A 242 -11.36 -24.51 -6.31
N ASP A 243 -10.70 -25.19 -7.22
CA ASP A 243 -11.42 -26.05 -8.15
C ASP A 243 -12.07 -27.21 -7.40
N PHE A 244 -11.43 -27.67 -6.32
CA PHE A 244 -11.94 -28.77 -5.51
C PHE A 244 -11.69 -28.52 -4.03
N VAL A 245 -12.64 -28.94 -3.19
CA VAL A 245 -12.51 -28.78 -1.74
C VAL A 245 -12.83 -30.13 -1.10
N LEU A 246 -11.93 -30.61 -0.26
CA LEU A 246 -12.12 -31.90 0.40
C LEU A 246 -11.77 -31.81 1.88
N SER A 247 -12.44 -32.62 2.69
CA SER A 247 -12.16 -32.62 4.13
C SER A 247 -10.97 -33.54 4.42
N SER A 248 -10.72 -34.47 3.50
CA SER A 248 -9.61 -35.41 3.64
C SER A 248 -9.11 -35.85 2.27
N LEU A 249 -7.80 -36.00 2.13
CA LEU A 249 -7.22 -36.43 0.86
C LEU A 249 -7.75 -37.80 0.48
N ALA A 250 -8.21 -38.55 1.47
CA ALA A 250 -8.74 -39.89 1.22
C ALA A 250 -9.93 -39.83 0.25
N GLU A 251 -10.60 -38.69 0.21
CA GLU A 251 -11.76 -38.50 -0.67
C GLU A 251 -11.37 -38.34 -2.13
N TRP A 252 -10.09 -38.10 -2.39
CA TRP A 252 -9.64 -37.91 -3.76
C TRP A 252 -9.55 -39.20 -4.56
N ASP A 253 -10.11 -39.16 -5.76
CA ASP A 253 -10.11 -40.31 -6.66
C ASP A 253 -9.32 -39.94 -7.93
N PHE A 254 -8.23 -40.65 -8.17
CA PHE A 254 -7.41 -40.38 -9.36
C PHE A 254 -8.13 -40.91 -10.60
N THR B 2 -13.92 15.55 33.90
CA THR B 2 -15.21 16.15 33.41
C THR B 2 -15.05 16.67 31.98
N TYR B 3 -15.89 16.18 31.07
CA TYR B 3 -15.80 16.63 29.68
C TYR B 3 -16.63 17.88 29.50
N LYS B 4 -16.05 18.89 28.86
CA LYS B 4 -16.72 20.15 28.66
C LYS B 4 -17.34 20.35 27.28
N GLY B 5 -16.93 19.56 26.30
CA GLY B 5 -17.47 19.71 24.96
C GLY B 5 -17.68 18.36 24.29
N TYR B 6 -18.66 18.27 23.40
CA TYR B 6 -18.95 17.03 22.71
C TYR B 6 -18.96 17.10 21.19
N LEU B 7 -18.23 16.20 20.55
CA LEU B 7 -18.20 16.08 19.10
C LEU B 7 -19.03 14.82 18.87
N ILE B 8 -20.04 14.92 18.01
CA ILE B 8 -20.93 13.78 17.81
C ILE B 8 -21.21 13.45 16.36
N ASP B 9 -21.12 12.16 16.03
CA ASP B 9 -21.40 11.67 14.69
C ASP B 9 -22.91 11.68 14.51
N LEU B 10 -23.36 11.84 13.26
CA LEU B 10 -24.80 11.88 12.99
C LEU B 10 -25.41 10.50 12.75
N ASP B 11 -25.35 10.06 11.49
CA ASP B 11 -25.93 8.77 11.16
C ASP B 11 -25.25 7.61 11.89
N GLY B 12 -26.08 6.77 12.51
CA GLY B 12 -25.61 5.61 13.25
C GLY B 12 -25.51 5.88 14.74
N THR B 13 -25.50 7.16 15.11
CA THR B 13 -25.36 7.53 16.51
C THR B 13 -26.63 8.10 17.14
N ILE B 14 -27.14 9.18 16.57
CA ILE B 14 -28.35 9.80 17.10
C ILE B 14 -29.58 9.40 16.28
N TYR B 15 -29.37 8.44 15.38
CA TYR B 15 -30.42 7.88 14.54
C TYR B 15 -29.71 6.90 13.61
N LYS B 16 -30.47 6.02 12.95
CA LYS B 16 -29.88 5.05 12.05
C LYS B 16 -30.75 4.83 10.81
N GLY B 17 -30.25 5.26 9.65
CA GLY B 17 -31.01 5.11 8.42
C GLY B 17 -32.26 5.96 8.51
N LYS B 18 -33.41 5.37 8.20
CA LYS B 18 -34.68 6.09 8.28
C LYS B 18 -35.21 5.91 9.70
N ASP B 19 -34.66 4.92 10.40
CA ASP B 19 -35.04 4.61 11.78
C ASP B 19 -34.38 5.59 12.75
N ARG B 20 -35.04 5.85 13.87
CA ARG B 20 -34.50 6.75 14.84
C ARG B 20 -33.99 6.02 16.09
N ILE B 21 -33.25 6.75 16.92
CA ILE B 21 -32.71 6.19 18.16
C ILE B 21 -33.09 7.20 19.23
N PRO B 22 -34.20 6.95 19.95
CA PRO B 22 -34.67 7.84 21.00
C PRO B 22 -33.59 8.24 22.00
N ALA B 23 -32.72 7.30 22.35
CA ALA B 23 -31.63 7.58 23.29
C ALA B 23 -30.70 8.65 22.68
N GLY B 24 -30.50 8.57 21.37
CA GLY B 24 -29.67 9.56 20.70
C GLY B 24 -30.29 10.95 20.75
N GLU B 25 -31.56 11.02 20.40
CA GLU B 25 -32.29 12.29 20.40
C GLU B 25 -32.26 12.89 21.79
N ASP B 26 -32.45 12.03 22.79
CA ASP B 26 -32.45 12.45 24.19
C ASP B 26 -31.07 12.98 24.59
N PHE B 27 -30.03 12.35 24.07
CA PHE B 27 -28.65 12.74 24.37
C PHE B 27 -28.43 14.22 24.00
N VAL B 28 -28.89 14.61 22.82
CA VAL B 28 -28.74 15.99 22.38
C VAL B 28 -29.58 16.91 23.27
N LYS B 29 -30.82 16.50 23.55
CA LYS B 29 -31.70 17.30 24.39
C LYS B 29 -31.06 17.50 25.77
N ARG B 30 -30.49 16.43 26.32
CA ARG B 30 -29.84 16.53 27.62
C ARG B 30 -28.68 17.53 27.55
N LEU B 31 -27.89 17.47 26.47
CA LEU B 31 -26.78 18.39 26.29
C LEU B 31 -27.29 19.83 26.27
N GLN B 32 -28.37 20.04 25.54
CA GLN B 32 -28.96 21.37 25.44
C GLN B 32 -29.41 21.87 26.80
N GLU B 33 -29.99 20.96 27.59
CA GLU B 33 -30.46 21.31 28.93
C GLU B 33 -29.32 21.73 29.85
N ARG B 34 -28.19 21.04 29.78
CA ARG B 34 -27.04 21.38 30.62
C ARG B 34 -26.28 22.54 29.99
N GLN B 35 -26.71 22.93 28.79
CA GLN B 35 -26.04 24.00 28.06
C GLN B 35 -24.57 23.63 27.81
N LEU B 36 -24.33 22.36 27.52
CA LEU B 36 -22.99 21.89 27.22
C LEU B 36 -22.78 22.07 25.73
N PRO B 37 -21.66 22.69 25.33
CA PRO B 37 -21.41 22.89 23.90
C PRO B 37 -21.23 21.56 23.16
N TYR B 38 -21.68 21.52 21.91
CA TYR B 38 -21.54 20.31 21.12
C TYR B 38 -21.60 20.63 19.64
N ILE B 39 -20.96 19.79 18.84
CA ILE B 39 -20.98 19.96 17.39
C ILE B 39 -21.24 18.60 16.77
N LEU B 40 -22.17 18.57 15.81
CA LEU B 40 -22.50 17.33 15.11
C LEU B 40 -21.58 17.29 13.92
N VAL B 41 -20.77 16.24 13.81
CA VAL B 41 -19.82 16.14 12.72
C VAL B 41 -20.15 14.98 11.79
N THR B 42 -20.30 15.29 10.51
CA THR B 42 -20.63 14.29 9.50
C THR B 42 -19.72 14.39 8.27
N ASN B 43 -19.43 13.25 7.66
CA ASN B 43 -18.61 13.20 6.47
C ASN B 43 -19.49 13.34 5.23
N ASN B 44 -20.81 13.41 5.43
CA ASN B 44 -21.75 13.53 4.31
C ASN B 44 -21.51 14.82 3.56
N THR B 45 -21.41 14.75 2.24
CA THR B 45 -21.19 15.96 1.44
C THR B 45 -22.36 16.32 0.52
N THR B 46 -23.48 15.60 0.63
CA THR B 46 -24.64 15.88 -0.23
C THR B 46 -25.65 16.87 0.35
N ARG B 47 -25.93 16.75 1.64
CA ARG B 47 -26.89 17.65 2.28
C ARG B 47 -26.22 18.86 2.93
N THR B 48 -26.81 20.03 2.71
CA THR B 48 -26.29 21.26 3.28
C THR B 48 -26.62 21.29 4.78
N PRO B 49 -25.99 22.19 5.53
CA PRO B 49 -26.27 22.26 6.96
C PRO B 49 -27.76 22.46 7.20
N GLU B 50 -28.38 23.32 6.39
CA GLU B 50 -29.80 23.61 6.49
C GLU B 50 -30.62 22.34 6.29
N MET B 51 -30.29 21.60 5.24
CA MET B 51 -30.99 20.34 4.96
C MET B 51 -30.85 19.42 6.16
N VAL B 52 -29.63 19.31 6.69
CA VAL B 52 -29.37 18.45 7.84
C VAL B 52 -30.19 18.92 9.03
N GLN B 53 -30.18 20.22 9.29
CA GLN B 53 -30.93 20.79 10.40
C GLN B 53 -32.42 20.45 10.28
N GLU B 54 -32.97 20.66 9.11
CA GLU B 54 -34.39 20.39 8.86
C GLU B 54 -34.71 18.91 9.03
N MET B 55 -33.86 18.04 8.49
CA MET B 55 -34.07 16.61 8.62
C MET B 55 -34.14 16.20 10.10
N LEU B 56 -33.22 16.73 10.91
CA LEU B 56 -33.17 16.42 12.33
C LEU B 56 -34.46 16.80 13.06
N ALA B 57 -34.96 18.00 12.79
CA ALA B 57 -36.17 18.51 13.43
C ALA B 57 -37.42 17.80 12.91
N THR B 58 -37.49 17.64 11.59
CA THR B 58 -38.63 17.00 10.95
C THR B 58 -38.76 15.51 11.16
N SER B 59 -37.64 14.79 11.08
CA SER B 59 -37.68 13.35 11.20
C SER B 59 -37.21 12.75 12.52
N PHE B 60 -36.56 13.53 13.37
CA PHE B 60 -36.06 12.97 14.63
C PHE B 60 -36.24 13.82 15.88
N ASN B 61 -37.17 14.77 15.86
CA ASN B 61 -37.43 15.61 17.03
C ASN B 61 -36.21 16.31 17.59
N ILE B 62 -35.21 16.52 16.75
CA ILE B 62 -34.02 17.21 17.20
C ILE B 62 -33.97 18.59 16.59
N LYS B 63 -34.01 19.60 17.45
CA LYS B 63 -33.95 20.97 17.00
C LYS B 63 -32.64 21.53 17.51
N THR B 64 -31.71 21.78 16.60
CA THR B 64 -30.40 22.29 16.98
C THR B 64 -30.01 23.47 16.12
N PRO B 65 -29.29 24.45 16.69
CA PRO B 65 -28.86 25.64 15.95
C PRO B 65 -28.07 25.21 14.71
N LEU B 66 -28.13 26.02 13.67
CA LEU B 66 -27.43 25.71 12.43
C LEU B 66 -25.91 25.59 12.62
N GLU B 67 -25.37 26.40 13.52
CA GLU B 67 -23.94 26.42 13.79
C GLU B 67 -23.40 25.16 14.47
N THR B 68 -24.28 24.27 14.91
CA THR B 68 -23.83 23.05 15.56
C THR B 68 -23.61 21.94 14.54
N ILE B 69 -23.94 22.22 13.29
CA ILE B 69 -23.79 21.23 12.23
C ILE B 69 -22.55 21.50 11.39
N TYR B 70 -21.54 20.63 11.53
CA TYR B 70 -20.31 20.80 10.79
C TYR B 70 -20.07 19.60 9.86
N THR B 71 -20.11 19.85 8.56
CA THR B 71 -19.91 18.77 7.59
C THR B 71 -18.53 18.79 6.94
N ALA B 72 -18.22 17.74 6.20
CA ALA B 72 -16.94 17.67 5.51
C ALA B 72 -16.88 18.76 4.42
N THR B 73 -18.03 19.12 3.88
CA THR B 73 -18.08 20.17 2.86
C THR B 73 -17.61 21.49 3.48
N LEU B 74 -18.13 21.81 4.66
CA LEU B 74 -17.75 23.06 5.35
C LEU B 74 -16.27 23.05 5.69
N ALA B 75 -15.81 21.92 6.23
CA ALA B 75 -14.41 21.78 6.61
C ALA B 75 -13.52 21.97 5.39
N THR B 76 -13.91 21.39 4.26
CA THR B 76 -13.15 21.48 3.03
C THR B 76 -13.03 22.93 2.55
N ILE B 77 -14.14 23.64 2.57
CA ILE B 77 -14.13 25.03 2.15
C ILE B 77 -13.28 25.88 3.12
N ASP B 78 -13.39 25.61 4.42
CA ASP B 78 -12.60 26.36 5.39
C ASP B 78 -11.11 26.15 5.09
N TYR B 79 -10.76 24.90 4.82
CA TYR B 79 -9.37 24.56 4.51
C TYR B 79 -8.95 25.29 3.25
N MET B 80 -9.78 25.25 2.21
CA MET B 80 -9.46 25.92 0.96
C MET B 80 -9.22 27.41 1.24
N ASN B 81 -10.10 28.02 2.03
CA ASN B 81 -9.94 29.44 2.35
C ASN B 81 -8.65 29.73 3.12
N ASP B 82 -8.29 28.82 4.04
CA ASP B 82 -7.07 28.97 4.83
C ASP B 82 -5.79 28.89 3.99
N MET B 83 -5.72 27.90 3.09
CA MET B 83 -4.54 27.73 2.27
C MET B 83 -4.35 28.89 1.30
N LYS B 84 -5.45 29.57 1.00
CA LYS B 84 -5.47 30.72 0.10
C LYS B 84 -4.65 30.65 -1.19
N ARG B 85 -5.07 29.81 -2.12
CA ARG B 85 -4.43 29.74 -3.42
C ARG B 85 -5.53 30.22 -4.35
N GLY B 86 -5.27 30.28 -5.65
CA GLY B 86 -6.30 30.76 -6.57
C GLY B 86 -7.75 30.50 -6.18
N LYS B 87 -8.65 31.37 -6.64
CA LYS B 87 -10.07 31.20 -6.32
C LYS B 87 -10.79 30.39 -7.38
N THR B 88 -10.14 29.30 -7.80
CA THR B 88 -10.72 28.41 -8.79
C THR B 88 -10.57 26.97 -8.34
N ALA B 89 -11.49 26.14 -8.78
CA ALA B 89 -11.45 24.74 -8.42
C ALA B 89 -12.26 23.90 -9.38
N TYR B 90 -11.80 22.66 -9.57
CA TYR B 90 -12.53 21.71 -10.37
C TYR B 90 -13.05 20.74 -9.30
N VAL B 91 -14.35 20.53 -9.28
CA VAL B 91 -14.94 19.66 -8.28
C VAL B 91 -15.64 18.43 -8.83
N ILE B 92 -15.36 17.30 -8.20
CA ILE B 92 -16.01 16.05 -8.54
C ILE B 92 -16.89 15.74 -7.34
N GLY B 93 -18.18 15.62 -7.56
CA GLY B 93 -19.09 15.33 -6.46
C GLY B 93 -20.53 15.60 -6.84
N GLU B 94 -21.43 15.48 -5.87
CA GLU B 94 -22.84 15.73 -6.12
C GLU B 94 -23.02 17.23 -6.34
N THR B 95 -24.16 17.58 -6.94
CA THR B 95 -24.45 18.98 -7.23
C THR B 95 -24.32 19.88 -5.99
N GLY B 96 -24.73 19.36 -4.83
CA GLY B 96 -24.65 20.13 -3.61
C GLY B 96 -23.24 20.59 -3.29
N LEU B 97 -22.27 19.68 -3.37
CA LEU B 97 -20.87 19.99 -3.09
C LEU B 97 -20.32 20.99 -4.10
N LYS B 98 -20.58 20.74 -5.38
CA LYS B 98 -20.11 21.62 -6.43
C LYS B 98 -20.68 23.02 -6.25
N LYS B 99 -21.92 23.10 -5.83
CA LYS B 99 -22.58 24.39 -5.62
C LYS B 99 -21.96 25.12 -4.44
N ALA B 100 -21.82 24.44 -3.31
CA ALA B 100 -21.23 25.04 -2.11
C ALA B 100 -19.85 25.62 -2.38
N VAL B 101 -19.03 24.90 -3.14
CA VAL B 101 -17.69 25.39 -3.43
C VAL B 101 -17.71 26.64 -4.33
N ALA B 102 -18.57 26.61 -5.36
CA ALA B 102 -18.67 27.75 -6.26
C ALA B 102 -19.18 28.97 -5.50
N GLU B 103 -20.19 28.76 -4.66
CA GLU B 103 -20.75 29.86 -3.88
C GLU B 103 -19.78 30.38 -2.82
N ALA B 104 -18.81 29.55 -2.46
CA ALA B 104 -17.81 29.96 -1.48
C ALA B 104 -16.75 30.82 -2.17
N GLY B 105 -16.93 31.06 -3.47
CA GLY B 105 -15.99 31.90 -4.20
C GLY B 105 -15.03 31.20 -5.16
N TYR B 106 -15.19 29.90 -5.36
CA TYR B 106 -14.30 29.18 -6.27
C TYR B 106 -15.04 28.80 -7.53
N ARG B 107 -14.84 29.57 -8.59
CA ARG B 107 -15.53 29.26 -9.84
C ARG B 107 -14.92 28.00 -10.48
N GLU B 108 -15.76 27.25 -11.17
CA GLU B 108 -15.32 26.02 -11.81
C GLU B 108 -14.37 26.32 -12.96
N ASP B 109 -13.21 25.68 -12.93
CA ASP B 109 -12.20 25.80 -13.98
C ASP B 109 -11.67 24.39 -14.15
N SER B 110 -12.01 23.76 -15.26
CA SER B 110 -11.57 22.39 -15.53
C SER B 110 -10.21 22.32 -16.21
N GLU B 111 -9.61 23.47 -16.47
CA GLU B 111 -8.31 23.52 -17.15
C GLU B 111 -7.13 23.73 -16.22
N ASN B 112 -7.11 24.85 -15.51
CA ASN B 112 -6.01 25.14 -14.59
C ASN B 112 -6.50 25.58 -13.21
N PRO B 113 -7.37 24.79 -12.58
CA PRO B 113 -7.86 25.18 -11.25
C PRO B 113 -6.74 25.20 -10.22
N ALA B 114 -6.90 26.06 -9.21
CA ALA B 114 -5.90 26.13 -8.14
C ALA B 114 -6.10 24.90 -7.23
N TYR B 115 -7.35 24.42 -7.17
CA TYR B 115 -7.70 23.26 -6.35
C TYR B 115 -8.50 22.24 -7.15
N VAL B 116 -8.33 20.97 -6.79
CA VAL B 116 -9.11 19.89 -7.37
C VAL B 116 -9.71 19.22 -6.13
N VAL B 117 -11.03 19.33 -5.98
CA VAL B 117 -11.74 18.79 -4.83
C VAL B 117 -12.58 17.61 -5.26
N VAL B 118 -12.45 16.52 -4.51
CA VAL B 118 -13.19 15.31 -4.84
C VAL B 118 -13.91 14.66 -3.68
N GLY B 119 -15.20 14.43 -3.90
CA GLY B 119 -16.06 13.76 -2.94
C GLY B 119 -16.82 12.74 -3.77
N LEU B 120 -17.75 12.03 -3.15
CA LEU B 120 -18.53 11.02 -3.85
C LEU B 120 -19.33 11.67 -5.00
N ASP B 121 -19.34 11.02 -6.16
CA ASP B 121 -20.11 11.50 -7.30
C ASP B 121 -20.78 10.28 -7.94
N THR B 122 -22.07 10.11 -7.70
CA THR B 122 -22.79 8.96 -8.25
C THR B 122 -22.97 9.09 -9.76
N ASN B 123 -22.44 10.17 -10.33
CA ASN B 123 -22.50 10.35 -11.77
C ASN B 123 -21.09 10.44 -12.34
N LEU B 124 -20.15 9.83 -11.62
CA LEU B 124 -18.74 9.81 -12.03
C LEU B 124 -18.65 9.28 -13.47
N THR B 125 -17.74 9.88 -14.24
CA THR B 125 -17.49 9.46 -15.62
C THR B 125 -15.98 9.51 -15.83
N TYR B 126 -15.52 8.80 -16.86
CA TYR B 126 -14.11 8.79 -17.16
C TYR B 126 -13.64 10.21 -17.44
N GLU B 127 -14.47 10.95 -18.18
CA GLU B 127 -14.13 12.34 -18.53
C GLU B 127 -13.84 13.21 -17.30
N LYS B 128 -14.67 13.07 -16.26
CA LYS B 128 -14.46 13.85 -15.03
C LYS B 128 -13.13 13.46 -14.34
N LEU B 129 -12.84 12.16 -14.31
CA LEU B 129 -11.60 11.62 -13.74
C LEU B 129 -10.42 12.18 -14.53
N THR B 130 -10.58 12.17 -15.85
CA THR B 130 -9.54 12.67 -16.74
C THR B 130 -9.30 14.14 -16.47
N LEU B 131 -10.39 14.90 -16.36
CA LEU B 131 -10.26 16.34 -16.10
C LEU B 131 -9.48 16.58 -14.80
N ALA B 132 -9.86 15.85 -13.76
CA ALA B 132 -9.20 15.96 -12.46
C ALA B 132 -7.74 15.53 -12.54
N THR B 133 -7.48 14.39 -13.20
CA THR B 133 -6.12 13.88 -13.34
C THR B 133 -5.21 14.88 -13.99
N LEU B 134 -5.66 15.46 -15.10
CA LEU B 134 -4.85 16.44 -15.82
C LEU B 134 -4.57 17.68 -14.99
N ALA B 135 -5.61 18.18 -14.31
CA ALA B 135 -5.47 19.36 -13.48
C ALA B 135 -4.49 19.10 -12.32
N ILE B 136 -4.61 17.94 -11.68
CA ILE B 136 -3.72 17.61 -10.57
C ILE B 136 -2.28 17.59 -11.10
N GLN B 137 -2.07 16.94 -12.24
CA GLN B 137 -0.75 16.87 -12.84
C GLN B 137 -0.16 18.26 -13.08
N LYS B 138 -1.01 19.23 -13.38
CA LYS B 138 -0.54 20.58 -13.63
C LYS B 138 -0.20 21.36 -12.37
N GLY B 139 -0.46 20.78 -11.20
CA GLY B 139 -0.15 21.47 -9.96
C GLY B 139 -1.31 21.87 -9.05
N ALA B 140 -2.54 21.55 -9.43
CA ALA B 140 -3.68 21.88 -8.58
C ALA B 140 -3.54 21.16 -7.23
N VAL B 141 -3.98 21.81 -6.16
CA VAL B 141 -3.94 21.22 -4.82
C VAL B 141 -5.05 20.18 -4.77
N PHE B 142 -4.66 18.92 -4.60
CA PHE B 142 -5.55 17.77 -4.56
C PHE B 142 -6.16 17.52 -3.17
N ILE B 143 -7.47 17.75 -3.06
CA ILE B 143 -8.19 17.57 -1.80
C ILE B 143 -9.32 16.55 -1.87
N GLY B 144 -9.42 15.71 -0.85
CA GLY B 144 -10.49 14.73 -0.78
C GLY B 144 -11.41 15.14 0.35
N THR B 145 -12.73 15.08 0.14
CA THR B 145 -13.64 15.47 1.21
C THR B 145 -13.65 14.45 2.34
N ASN B 146 -13.65 13.16 2.00
CA ASN B 146 -13.67 12.12 3.01
C ASN B 146 -13.01 10.83 2.48
N PRO B 147 -12.43 10.02 3.37
CA PRO B 147 -11.74 8.78 3.01
C PRO B 147 -12.52 7.49 2.88
N ASP B 148 -13.78 7.50 3.28
CA ASP B 148 -14.61 6.29 3.24
C ASP B 148 -14.49 5.51 1.92
N LEU B 149 -14.11 4.24 2.03
CA LEU B 149 -13.95 3.40 0.85
C LEU B 149 -15.31 2.98 0.30
N ASN B 150 -16.31 2.96 1.17
CA ASN B 150 -17.65 2.57 0.74
C ASN B 150 -18.70 3.53 1.25
N ILE B 151 -19.87 3.49 0.62
CA ILE B 151 -21.01 4.30 1.00
C ILE B 151 -22.13 3.27 1.10
N PRO B 152 -22.71 3.10 2.29
CA PRO B 152 -23.79 2.12 2.44
C PRO B 152 -25.11 2.68 1.95
N THR B 153 -25.73 2.02 0.98
CA THR B 153 -27.01 2.49 0.45
C THR B 153 -28.01 1.34 0.53
N GLU B 154 -29.26 1.64 0.20
CA GLU B 154 -30.29 0.62 0.23
C GLU B 154 -29.94 -0.44 -0.79
N ARG B 155 -29.10 -0.08 -1.74
CA ARG B 155 -28.67 -0.98 -2.79
C ARG B 155 -27.51 -1.88 -2.35
N GLY B 156 -26.83 -1.49 -1.25
CA GLY B 156 -25.71 -2.25 -0.75
C GLY B 156 -24.47 -1.40 -0.50
N LEU B 157 -23.31 -2.05 -0.33
CA LEU B 157 -22.05 -1.32 -0.10
C LEU B 157 -21.43 -0.84 -1.39
N LEU B 158 -21.72 0.39 -1.77
CA LEU B 158 -21.20 0.95 -3.00
C LEU B 158 -19.87 1.69 -2.84
N PRO B 159 -19.21 2.00 -3.97
CA PRO B 159 -17.94 2.72 -3.94
C PRO B 159 -18.07 4.09 -3.28
N GLY B 160 -17.20 4.36 -2.31
CA GLY B 160 -17.23 5.64 -1.63
C GLY B 160 -16.22 6.63 -2.20
N ALA B 161 -16.22 7.83 -1.65
CA ALA B 161 -15.30 8.88 -2.07
C ALA B 161 -13.84 8.38 -1.99
N GLY B 162 -13.50 7.70 -0.91
CA GLY B 162 -12.15 7.18 -0.76
C GLY B 162 -11.70 6.28 -1.91
N ALA B 163 -12.62 5.49 -2.46
CA ALA B 163 -12.26 4.61 -3.57
C ALA B 163 -11.93 5.45 -4.82
N ILE B 164 -12.74 6.49 -5.06
CA ILE B 164 -12.49 7.37 -6.19
C ILE B 164 -11.15 8.09 -5.98
N LEU B 165 -10.92 8.57 -4.77
CA LEU B 165 -9.68 9.25 -4.45
C LEU B 165 -8.47 8.36 -4.75
N PHE B 166 -8.56 7.07 -4.41
CA PHE B 166 -7.44 6.16 -4.69
C PHE B 166 -7.18 5.99 -6.17
N LEU B 167 -8.24 5.98 -6.97
CA LEU B 167 -8.08 5.86 -8.42
C LEU B 167 -7.22 7.05 -8.86
N LEU B 168 -7.58 8.25 -8.43
CA LEU B 168 -6.85 9.46 -8.79
C LEU B 168 -5.44 9.47 -8.23
N GLU B 169 -5.28 9.00 -7.00
CA GLU B 169 -3.96 8.98 -6.41
C GLU B 169 -3.05 8.08 -7.27
N LYS B 170 -3.57 6.92 -7.65
CA LYS B 170 -2.79 5.99 -8.47
C LYS B 170 -2.43 6.60 -9.83
N ALA B 171 -3.41 7.27 -10.44
CA ALA B 171 -3.21 7.87 -11.76
C ALA B 171 -2.28 9.07 -11.79
N THR B 172 -2.22 9.82 -10.70
CA THR B 172 -1.39 11.02 -10.63
C THR B 172 -0.15 10.91 -9.76
N ARG B 173 -0.12 9.91 -8.89
CA ARG B 173 1.00 9.71 -7.96
C ARG B 173 1.02 10.78 -6.87
N VAL B 174 -0.06 11.54 -6.71
CA VAL B 174 -0.09 12.51 -5.62
C VAL B 174 -1.18 12.12 -4.59
N LYS B 175 -0.78 12.05 -3.33
CA LYS B 175 -1.67 11.69 -2.24
C LYS B 175 -2.56 12.89 -1.94
N PRO B 176 -3.87 12.69 -1.92
CA PRO B 176 -4.77 13.82 -1.65
C PRO B 176 -4.76 14.18 -0.16
N ILE B 177 -4.93 15.47 0.13
CA ILE B 177 -5.03 15.87 1.52
C ILE B 177 -6.53 15.65 1.79
N ILE B 178 -6.83 14.75 2.72
CA ILE B 178 -8.21 14.39 3.04
C ILE B 178 -8.71 15.12 4.29
N ILE B 179 -9.87 15.76 4.15
CA ILE B 179 -10.46 16.57 5.20
C ILE B 179 -11.28 15.84 6.27
N GLY B 180 -12.24 15.03 5.83
CA GLY B 180 -13.12 14.33 6.76
C GLY B 180 -12.57 13.33 7.76
N LYS B 181 -13.46 12.91 8.67
CA LYS B 181 -13.12 11.93 9.69
C LYS B 181 -12.60 10.66 9.01
N PRO B 182 -11.57 10.02 9.59
CA PRO B 182 -10.92 10.40 10.84
C PRO B 182 -9.70 11.33 10.73
N GLU B 183 -9.57 12.08 9.64
CA GLU B 183 -8.40 12.96 9.52
C GLU B 183 -8.43 14.22 10.39
N ALA B 184 -7.27 14.84 10.54
CA ALA B 184 -7.10 16.00 11.41
C ALA B 184 -7.89 17.27 11.16
N VAL B 185 -7.94 17.74 9.92
CA VAL B 185 -8.60 19.01 9.64
C VAL B 185 -10.04 19.15 10.12
N ILE B 186 -10.89 18.18 9.80
CA ILE B 186 -12.27 18.32 10.23
C ILE B 186 -12.35 18.29 11.76
N MET B 187 -11.51 17.48 12.39
CA MET B 187 -11.54 17.39 13.84
C MET B 187 -11.03 18.67 14.48
N ASN B 188 -9.96 19.26 13.93
CA ASN B 188 -9.40 20.50 14.47
C ASN B 188 -10.42 21.64 14.39
N LYS B 189 -11.05 21.77 13.22
CA LYS B 189 -12.04 22.83 13.02
C LYS B 189 -13.28 22.60 13.89
N ALA B 190 -13.74 21.36 13.98
CA ALA B 190 -14.91 21.07 14.82
C ALA B 190 -14.57 21.45 16.26
N LEU B 191 -13.36 21.08 16.67
CA LEU B 191 -12.88 21.36 18.03
C LEU B 191 -12.88 22.87 18.24
N ASP B 192 -12.50 23.60 17.20
CA ASP B 192 -12.43 25.05 17.26
C ASP B 192 -13.81 25.64 17.47
N ARG B 193 -14.80 25.13 16.74
CA ARG B 193 -16.16 25.62 16.89
C ARG B 193 -16.70 25.24 18.25
N LEU B 194 -16.24 24.11 18.76
CA LEU B 194 -16.69 23.62 20.06
C LEU B 194 -16.30 24.61 21.16
N GLY B 195 -15.20 25.34 20.94
CA GLY B 195 -14.74 26.33 21.91
C GLY B 195 -14.17 25.78 23.20
N VAL B 196 -13.67 24.56 23.15
CA VAL B 196 -13.09 23.91 24.31
C VAL B 196 -11.68 23.42 23.99
N LYS B 197 -10.88 23.14 25.02
CA LYS B 197 -9.54 22.64 24.79
C LYS B 197 -9.62 21.17 24.38
N ARG B 198 -8.64 20.72 23.59
CA ARG B 198 -8.63 19.35 23.09
C ARG B 198 -8.87 18.26 24.15
N HIS B 199 -8.19 18.36 25.29
CA HIS B 199 -8.35 17.36 26.34
C HIS B 199 -9.68 17.49 27.09
N GLU B 200 -10.46 18.51 26.78
CA GLU B 200 -11.73 18.71 27.45
C GLU B 200 -12.87 18.19 26.57
N ALA B 201 -12.55 17.80 25.35
CA ALA B 201 -13.57 17.31 24.43
C ALA B 201 -13.61 15.79 24.37
N ILE B 202 -14.68 15.27 23.77
CA ILE B 202 -14.82 13.83 23.59
C ILE B 202 -15.62 13.61 22.31
N MET B 203 -15.18 12.66 21.50
CA MET B 203 -15.85 12.32 20.24
C MET B 203 -16.79 11.14 20.49
N VAL B 204 -18.06 11.32 20.15
CA VAL B 204 -19.09 10.31 20.35
C VAL B 204 -19.58 9.76 19.02
N GLY B 205 -19.50 8.43 18.85
CA GLY B 205 -19.93 7.83 17.61
C GLY B 205 -20.23 6.35 17.70
N ASP B 206 -20.66 5.79 16.57
CA ASP B 206 -21.03 4.38 16.46
C ASP B 206 -20.06 3.61 15.58
N ASN B 207 -19.27 4.33 14.80
CA ASN B 207 -18.34 3.71 13.87
C ASN B 207 -16.90 3.77 14.34
N TYR B 208 -16.33 2.62 14.66
CA TYR B 208 -14.96 2.57 15.13
C TYR B 208 -13.95 3.21 14.19
N LEU B 209 -13.97 2.81 12.93
CA LEU B 209 -13.03 3.33 11.94
C LEU B 209 -13.12 4.82 11.64
N THR B 210 -14.32 5.36 11.56
CA THR B 210 -14.48 6.77 11.23
C THR B 210 -14.54 7.72 12.42
N ASP B 211 -15.25 7.32 13.47
CA ASP B 211 -15.40 8.17 14.64
C ASP B 211 -14.38 7.96 15.76
N ILE B 212 -14.21 6.72 16.19
CA ILE B 212 -13.29 6.43 17.28
C ILE B 212 -11.84 6.65 16.87
N THR B 213 -11.50 6.20 15.66
CA THR B 213 -10.15 6.38 15.15
C THR B 213 -9.89 7.87 15.04
N ALA B 214 -10.94 8.63 14.74
CA ALA B 214 -10.83 10.06 14.61
C ALA B 214 -10.34 10.62 15.95
N GLY B 215 -10.83 10.04 17.05
CA GLY B 215 -10.43 10.49 18.37
C GLY B 215 -9.00 10.08 18.69
N ILE B 216 -8.77 8.76 18.68
CA ILE B 216 -7.45 8.19 18.95
C ILE B 216 -6.33 8.86 18.14
N LYS B 217 -6.48 8.86 16.83
CA LYS B 217 -5.51 9.46 15.91
C LYS B 217 -5.22 10.94 16.20
N ASN B 218 -6.23 11.68 16.67
CA ASN B 218 -6.06 13.10 16.93
C ASN B 218 -5.99 13.49 18.39
N ASP B 219 -5.74 12.50 19.23
CA ASP B 219 -5.61 12.73 20.66
C ASP B 219 -6.86 13.39 21.27
N ILE B 220 -8.00 12.78 21.01
CA ILE B 220 -9.26 13.25 21.57
C ILE B 220 -9.95 12.03 22.17
N ALA B 221 -10.48 12.19 23.37
CA ALA B 221 -11.17 11.12 24.07
C ALA B 221 -12.30 10.58 23.19
N THR B 222 -12.66 9.32 23.41
CA THR B 222 -13.70 8.69 22.63
C THR B 222 -14.74 7.89 23.39
N LEU B 223 -15.98 7.97 22.91
CA LEU B 223 -17.12 7.27 23.47
C LEU B 223 -17.75 6.51 22.30
N LEU B 224 -17.66 5.18 22.35
CA LEU B 224 -18.21 4.33 21.32
C LEU B 224 -19.55 3.74 21.77
N VAL B 225 -20.58 3.93 20.96
CA VAL B 225 -21.91 3.39 21.26
C VAL B 225 -22.10 2.19 20.32
N THR B 226 -22.33 1.02 20.91
CA THR B 226 -22.50 -0.21 20.15
C THR B 226 -23.68 -0.22 19.18
N THR B 227 -24.36 0.90 19.06
CA THR B 227 -25.45 0.97 18.11
C THR B 227 -24.73 1.17 16.78
N GLY B 228 -25.48 1.31 15.70
CA GLY B 228 -24.85 1.53 14.40
C GLY B 228 -23.83 0.52 13.90
N PHE B 229 -22.98 0.99 12.98
CA PHE B 229 -21.96 0.18 12.33
C PHE B 229 -21.23 -0.88 13.16
N THR B 230 -20.37 -0.45 14.07
CA THR B 230 -19.59 -1.37 14.90
C THR B 230 -20.45 -2.15 15.89
N LYS B 231 -20.67 -3.43 15.60
CA LYS B 231 -21.45 -4.30 16.47
C LYS B 231 -20.75 -4.51 17.80
N PRO B 232 -21.53 -4.74 18.88
CA PRO B 232 -20.98 -4.95 20.23
C PRO B 232 -20.05 -6.14 20.41
N GLU B 233 -20.18 -7.15 19.55
CA GLU B 233 -19.34 -8.34 19.64
C GLU B 233 -17.95 -8.05 19.07
N GLU B 234 -17.88 -7.06 18.19
CA GLU B 234 -16.64 -6.67 17.55
C GLU B 234 -15.69 -5.87 18.43
N VAL B 235 -16.21 -5.31 19.52
CA VAL B 235 -15.38 -4.47 20.39
C VAL B 235 -14.17 -5.13 21.05
N PRO B 236 -14.31 -6.39 21.51
CA PRO B 236 -13.13 -7.00 22.15
C PRO B 236 -11.93 -7.12 21.21
N ALA B 237 -12.20 -7.26 19.92
CA ALA B 237 -11.13 -7.40 18.93
C ALA B 237 -10.53 -6.11 18.40
N LEU B 238 -11.07 -4.96 18.81
CA LEU B 238 -10.57 -3.67 18.36
C LEU B 238 -9.10 -3.49 18.73
N PRO B 239 -8.29 -2.96 17.80
CA PRO B 239 -6.86 -2.76 18.08
C PRO B 239 -6.60 -1.79 19.25
N ILE B 240 -7.43 -0.76 19.35
CA ILE B 240 -7.32 0.24 20.41
C ILE B 240 -8.71 0.43 20.99
N GLN B 241 -8.87 0.18 22.28
CA GLN B 241 -10.17 0.32 22.91
C GLN B 241 -10.55 1.79 23.06
N PRO B 242 -11.81 2.14 22.82
CA PRO B 242 -12.14 3.56 23.01
C PRO B 242 -12.05 3.84 24.50
N ASP B 243 -12.07 5.10 24.90
CA ASP B 243 -12.00 5.39 26.32
C ASP B 243 -13.25 4.87 27.04
N PHE B 244 -14.39 4.90 26.35
CA PHE B 244 -15.66 4.44 26.91
C PHE B 244 -16.47 3.68 25.87
N VAL B 245 -17.17 2.65 26.32
CA VAL B 245 -18.02 1.86 25.44
C VAL B 245 -19.38 1.72 26.09
N LEU B 246 -20.44 2.09 25.37
CA LEU B 246 -21.80 2.01 25.90
C LEU B 246 -22.75 1.37 24.89
N SER B 247 -23.77 0.69 25.38
CA SER B 247 -24.76 0.06 24.50
C SER B 247 -25.80 1.08 24.09
N SER B 248 -25.96 2.13 24.91
CA SER B 248 -26.91 3.20 24.65
C SER B 248 -26.41 4.52 25.25
N LEU B 249 -26.64 5.63 24.54
CA LEU B 249 -26.22 6.94 25.03
C LEU B 249 -26.93 7.25 26.34
N ALA B 250 -28.05 6.59 26.58
CA ALA B 250 -28.79 6.82 27.81
C ALA B 250 -27.94 6.48 29.04
N GLU B 251 -26.95 5.60 28.85
CA GLU B 251 -26.08 5.18 29.93
C GLU B 251 -25.06 6.26 30.32
N TRP B 252 -24.91 7.27 29.47
CA TRP B 252 -23.95 8.33 29.74
C TRP B 252 -24.41 9.32 30.80
N ASP B 253 -23.53 9.58 31.75
CA ASP B 253 -23.79 10.50 32.85
C ASP B 253 -22.83 11.68 32.73
N PHE B 254 -23.37 12.89 32.54
CA PHE B 254 -22.53 14.06 32.44
C PHE B 254 -22.00 14.45 33.84
N THR C 2 22.64 -18.48 -26.91
CA THR C 2 21.83 -18.23 -28.13
C THR C 2 20.34 -18.21 -27.79
N TYR C 3 19.66 -17.13 -28.12
CA TYR C 3 18.23 -17.04 -27.85
C TYR C 3 17.45 -17.62 -29.02
N LYS C 4 16.51 -18.50 -28.72
CA LYS C 4 15.71 -19.17 -29.74
C LYS C 4 14.33 -18.57 -30.01
N GLY C 5 13.83 -17.76 -29.08
CA GLY C 5 12.52 -17.18 -29.27
C GLY C 5 12.49 -15.73 -28.79
N TYR C 6 11.61 -14.92 -29.38
CA TYR C 6 11.51 -13.51 -29.01
C TYR C 6 10.11 -13.02 -28.66
N LEU C 7 9.98 -12.41 -27.48
CA LEU C 7 8.72 -11.83 -27.04
C LEU C 7 8.97 -10.34 -27.23
N ILE C 8 8.09 -9.66 -27.95
CA ILE C 8 8.32 -8.26 -28.25
C ILE C 8 7.15 -7.34 -27.99
N ASP C 9 7.42 -6.21 -27.35
CA ASP C 9 6.39 -5.21 -27.06
C ASP C 9 6.10 -4.48 -28.37
N LEU C 10 4.87 -3.99 -28.51
CA LEU C 10 4.49 -3.28 -29.72
C LEU C 10 4.80 -1.78 -29.68
N ASP C 11 3.88 -1.00 -29.14
CA ASP C 11 4.07 0.44 -29.09
C ASP C 11 5.28 0.85 -28.26
N GLY C 12 6.13 1.67 -28.86
CA GLY C 12 7.31 2.15 -28.20
C GLY C 12 8.55 1.37 -28.58
N THR C 13 8.35 0.18 -29.14
CA THR C 13 9.46 -0.67 -29.53
C THR C 13 9.68 -0.79 -31.03
N ILE C 14 8.65 -1.24 -31.76
CA ILE C 14 8.76 -1.41 -33.21
C ILE C 14 8.11 -0.24 -33.94
N TYR C 15 7.72 0.76 -33.16
CA TYR C 15 7.11 1.99 -33.65
C TYR C 15 6.75 2.81 -32.42
N LYS C 16 6.46 4.09 -32.60
CA LYS C 16 6.11 4.95 -31.47
C LYS C 16 5.04 5.95 -31.83
N GLY C 17 3.85 5.78 -31.26
CA GLY C 17 2.74 6.66 -31.56
C GLY C 17 2.35 6.50 -33.02
N LYS C 18 2.22 7.62 -33.73
CA LYS C 18 1.88 7.56 -35.16
C LYS C 18 3.19 7.44 -35.94
N ASP C 19 4.29 7.76 -35.26
CA ASP C 19 5.63 7.71 -35.84
C ASP C 19 6.14 6.28 -35.88
N ARG C 20 6.99 5.97 -36.85
CA ARG C 20 7.53 4.63 -36.96
C ARG C 20 9.00 4.56 -36.56
N ILE C 21 9.50 3.35 -36.38
CA ILE C 21 10.89 3.13 -36.03
C ILE C 21 11.40 2.09 -37.02
N PRO C 22 12.05 2.56 -38.11
CA PRO C 22 12.58 1.64 -39.13
C PRO C 22 13.41 0.49 -38.56
N ALA C 23 14.19 0.76 -37.52
CA ALA C 23 15.02 -0.27 -36.90
C ALA C 23 14.10 -1.36 -36.33
N GLY C 24 12.96 -0.93 -35.80
CA GLY C 24 12.00 -1.87 -35.24
C GLY C 24 11.41 -2.75 -36.32
N GLU C 25 10.93 -2.12 -37.38
CA GLU C 25 10.33 -2.84 -38.50
C GLU C 25 11.34 -3.84 -39.07
N ASP C 26 12.59 -3.39 -39.17
CA ASP C 26 13.66 -4.23 -39.69
C ASP C 26 13.91 -5.42 -38.77
N PHE C 27 13.80 -5.18 -37.47
CA PHE C 27 14.01 -6.23 -36.47
C PHE C 27 13.07 -7.41 -36.72
N VAL C 28 11.80 -7.13 -36.97
CA VAL C 28 10.83 -8.17 -37.25
C VAL C 28 11.18 -8.87 -38.56
N LYS C 29 11.49 -8.08 -39.59
CA LYS C 29 11.84 -8.64 -40.88
C LYS C 29 13.05 -9.57 -40.75
N ARG C 30 14.05 -9.13 -40.00
CA ARG C 30 15.22 -9.97 -39.79
C ARG C 30 14.84 -11.28 -39.12
N LEU C 31 13.95 -11.19 -38.11
CA LEU C 31 13.50 -12.39 -37.40
C LEU C 31 12.83 -13.34 -38.39
N GLN C 32 11.97 -12.78 -39.24
CA GLN C 32 11.26 -13.57 -40.23
C GLN C 32 12.25 -14.26 -41.17
N GLU C 33 13.30 -13.53 -41.55
CA GLU C 33 14.32 -14.08 -42.44
C GLU C 33 15.06 -15.27 -41.83
N ARG C 34 15.39 -15.17 -40.55
CA ARG C 34 16.10 -16.26 -39.88
C ARG C 34 15.09 -17.33 -39.46
N GLN C 35 13.81 -17.04 -39.68
CA GLN C 35 12.75 -17.96 -39.30
C GLN C 35 12.81 -18.24 -37.80
N LEU C 36 13.11 -17.19 -37.03
CA LEU C 36 13.16 -17.30 -35.57
C LEU C 36 11.76 -17.01 -35.06
N PRO C 37 11.23 -17.90 -34.21
CA PRO C 37 9.87 -17.67 -33.68
C PRO C 37 9.80 -16.39 -32.85
N TYR C 38 8.66 -15.72 -32.88
CA TYR C 38 8.47 -14.51 -32.11
C TYR C 38 6.99 -14.21 -31.91
N ILE C 39 6.68 -13.55 -30.81
CA ILE C 39 5.31 -13.18 -30.51
C ILE C 39 5.31 -11.72 -30.08
N LEU C 40 4.38 -10.94 -30.63
CA LEU C 40 4.27 -9.53 -30.28
C LEU C 40 3.27 -9.51 -29.13
N VAL C 41 3.70 -8.97 -27.99
CA VAL C 41 2.84 -8.92 -26.81
C VAL C 41 2.48 -7.49 -26.44
N THR C 42 1.18 -7.23 -26.36
CA THR C 42 0.68 -5.90 -26.02
C THR C 42 -0.40 -5.96 -24.94
N ASN C 43 -0.42 -4.95 -24.08
CA ASN C 43 -1.42 -4.85 -23.02
C ASN C 43 -2.66 -4.13 -23.52
N ASN C 44 -2.62 -3.66 -24.76
CA ASN C 44 -3.76 -2.96 -25.36
C ASN C 44 -4.98 -3.87 -25.46
N THR C 45 -6.13 -3.40 -24.98
CA THR C 45 -7.34 -4.21 -25.03
C THR C 45 -8.42 -3.66 -25.96
N THR C 46 -8.10 -2.61 -26.71
CA THR C 46 -9.10 -2.02 -27.62
C THR C 46 -9.10 -2.60 -29.04
N ARG C 47 -7.92 -2.81 -29.60
CA ARG C 47 -7.80 -3.35 -30.95
C ARG C 47 -7.67 -4.87 -30.98
N THR C 48 -8.43 -5.50 -31.87
CA THR C 48 -8.40 -6.95 -32.02
C THR C 48 -7.09 -7.34 -32.71
N PRO C 49 -6.75 -8.63 -32.69
CA PRO C 49 -5.51 -9.07 -33.35
C PRO C 49 -5.51 -8.65 -34.82
N GLU C 50 -6.67 -8.81 -35.47
CA GLU C 50 -6.81 -8.43 -36.88
C GLU C 50 -6.50 -6.94 -37.06
N MET C 51 -7.12 -6.11 -36.23
CA MET C 51 -6.90 -4.67 -36.30
C MET C 51 -5.41 -4.39 -36.13
N VAL C 52 -4.79 -5.04 -35.15
CA VAL C 52 -3.36 -4.86 -34.90
C VAL C 52 -2.55 -5.28 -36.12
N GLN C 53 -2.88 -6.46 -36.67
CA GLN C 53 -2.18 -6.97 -37.84
C GLN C 53 -2.26 -6.00 -39.01
N GLU C 54 -3.47 -5.51 -39.27
CA GLU C 54 -3.70 -4.57 -40.36
C GLU C 54 -2.93 -3.26 -40.16
N MET C 55 -2.98 -2.74 -38.93
CA MET C 55 -2.27 -1.51 -38.61
C MET C 55 -0.77 -1.66 -38.91
N LEU C 56 -0.21 -2.78 -38.50
CA LEU C 56 1.22 -3.04 -38.71
C LEU C 56 1.61 -3.03 -40.19
N ALA C 57 0.81 -3.71 -41.01
CA ALA C 57 1.07 -3.80 -42.44
C ALA C 57 0.80 -2.48 -43.15
N THR C 58 -0.33 -1.86 -42.83
CA THR C 58 -0.74 -0.60 -43.43
C THR C 58 0.09 0.62 -43.04
N SER C 59 0.41 0.74 -41.76
CA SER C 59 1.14 1.90 -41.28
C SER C 59 2.63 1.73 -40.98
N PHE C 60 3.12 0.49 -40.93
CA PHE C 60 4.53 0.28 -40.61
C PHE C 60 5.28 -0.78 -41.42
N ASN C 61 4.75 -1.14 -42.59
CA ASN C 61 5.42 -2.12 -43.45
C ASN C 61 5.74 -3.43 -42.76
N ILE C 62 4.97 -3.77 -41.73
CA ILE C 62 5.18 -5.01 -41.03
C ILE C 62 4.05 -5.96 -41.34
N LYS C 63 4.38 -7.07 -41.98
CA LYS C 63 3.40 -8.08 -42.32
C LYS C 63 3.74 -9.30 -41.50
N THR C 64 2.89 -9.60 -40.52
CA THR C 64 3.14 -10.74 -39.65
C THR C 64 1.87 -11.59 -39.51
N PRO C 65 2.05 -12.91 -39.39
CA PRO C 65 0.90 -13.82 -39.26
C PRO C 65 0.04 -13.39 -38.07
N LEU C 66 -1.26 -13.67 -38.16
CA LEU C 66 -2.18 -13.30 -37.09
C LEU C 66 -1.83 -13.95 -35.75
N GLU C 67 -1.30 -15.16 -35.80
CA GLU C 67 -0.94 -15.91 -34.60
C GLU C 67 0.24 -15.35 -33.84
N THR C 68 0.94 -14.37 -34.40
CA THR C 68 2.09 -13.80 -33.72
C THR C 68 1.67 -12.63 -32.83
N ILE C 69 0.40 -12.27 -32.90
CA ILE C 69 -0.11 -11.16 -32.12
C ILE C 69 -0.89 -11.63 -30.90
N TYR C 70 -0.30 -11.43 -29.72
CA TYR C 70 -0.94 -11.86 -28.48
C TYR C 70 -1.24 -10.68 -27.57
N THR C 71 -2.52 -10.40 -27.35
CA THR C 71 -2.92 -9.27 -26.53
C THR C 71 -3.41 -9.68 -25.15
N ALA C 72 -3.60 -8.69 -24.28
CA ALA C 72 -4.07 -8.95 -22.93
C ALA C 72 -5.49 -9.50 -23.01
N THR C 73 -6.24 -9.09 -24.03
CA THR C 73 -7.60 -9.58 -24.19
C THR C 73 -7.57 -11.09 -24.42
N LEU C 74 -6.69 -11.54 -25.34
CA LEU C 74 -6.58 -12.97 -25.64
C LEU C 74 -6.13 -13.74 -24.40
N ALA C 75 -5.13 -13.19 -23.71
CA ALA C 75 -4.62 -13.84 -22.50
C ALA C 75 -5.72 -13.96 -21.45
N THR C 76 -6.52 -12.91 -21.30
CA THR C 76 -7.59 -12.91 -20.34
C THR C 76 -8.63 -13.97 -20.66
N ILE C 77 -9.01 -14.08 -21.92
CA ILE C 77 -9.99 -15.08 -22.31
C ILE C 77 -9.43 -16.49 -22.11
N ASP C 78 -8.14 -16.69 -22.46
CA ASP C 78 -7.54 -18.01 -22.28
C ASP C 78 -7.59 -18.39 -20.81
N TYR C 79 -7.25 -17.44 -19.95
CA TYR C 79 -7.27 -17.65 -18.50
C TYR C 79 -8.68 -18.01 -18.06
N MET C 80 -9.66 -17.22 -18.52
CA MET C 80 -11.06 -17.49 -18.16
C MET C 80 -11.44 -18.91 -18.57
N ASN C 81 -11.04 -19.31 -19.78
CA ASN C 81 -11.36 -20.65 -20.25
C ASN C 81 -10.67 -21.74 -19.41
N ASP C 82 -9.44 -21.47 -19.00
CA ASP C 82 -8.67 -22.41 -18.18
C ASP C 82 -9.29 -22.62 -16.79
N MET C 83 -9.65 -21.53 -16.12
CA MET C 83 -10.23 -21.64 -14.78
C MET C 83 -11.60 -22.33 -14.80
N LYS C 84 -12.25 -22.29 -15.96
CA LYS C 84 -13.55 -22.92 -16.16
C LYS C 84 -14.61 -22.78 -15.06
N ARG C 85 -15.11 -21.57 -14.88
CA ARG C 85 -16.20 -21.35 -13.94
C ARG C 85 -17.34 -20.92 -14.86
N GLY C 86 -18.51 -20.61 -14.31
CA GLY C 86 -19.65 -20.22 -15.16
C GLY C 86 -19.31 -19.52 -16.47
N LYS C 87 -20.16 -19.67 -17.47
CA LYS C 87 -19.93 -19.02 -18.76
C LYS C 87 -20.59 -17.65 -18.81
N THR C 88 -20.45 -16.89 -17.73
CA THR C 88 -21.02 -15.56 -17.66
C THR C 88 -19.98 -14.60 -17.10
N ALA C 89 -20.09 -13.34 -17.49
CA ALA C 89 -19.16 -12.34 -17.03
C ALA C 89 -19.71 -10.95 -17.18
N TYR C 90 -19.30 -10.07 -16.27
CA TYR C 90 -19.69 -8.67 -16.37
C TYR C 90 -18.37 -8.03 -16.74
N VAL C 91 -18.35 -7.28 -17.83
CA VAL C 91 -17.13 -6.65 -18.29
C VAL C 91 -17.16 -5.13 -18.33
N ILE C 92 -16.08 -4.53 -17.83
CA ILE C 92 -15.92 -3.09 -17.86
C ILE C 92 -14.77 -2.87 -18.84
N GLY C 93 -15.04 -2.12 -19.89
CA GLY C 93 -13.99 -1.86 -20.86
C GLY C 93 -14.57 -1.31 -22.15
N GLU C 94 -13.72 -1.15 -23.16
CA GLU C 94 -14.18 -0.64 -24.44
C GLU C 94 -15.05 -1.71 -25.10
N THR C 95 -15.84 -1.28 -26.09
CA THR C 95 -16.73 -2.20 -26.79
C THR C 95 -15.98 -3.44 -27.33
N GLY C 96 -14.76 -3.23 -27.81
CA GLY C 96 -13.96 -4.33 -28.33
C GLY C 96 -13.76 -5.45 -27.33
N LEU C 97 -13.34 -5.11 -26.11
CA LEU C 97 -13.12 -6.10 -25.05
C LEU C 97 -14.41 -6.80 -24.65
N LYS C 98 -15.47 -6.02 -24.49
CA LYS C 98 -16.76 -6.60 -24.11
C LYS C 98 -17.25 -7.57 -25.17
N LYS C 99 -17.01 -7.22 -26.43
CA LYS C 99 -17.44 -8.06 -27.54
C LYS C 99 -16.63 -9.36 -27.55
N ALA C 100 -15.30 -9.24 -27.49
CA ALA C 100 -14.44 -10.43 -27.52
C ALA C 100 -14.80 -11.43 -26.43
N VAL C 101 -15.13 -10.94 -25.23
CA VAL C 101 -15.49 -11.85 -24.13
C VAL C 101 -16.83 -12.53 -24.38
N ALA C 102 -17.80 -11.78 -24.88
CA ALA C 102 -19.12 -12.34 -25.16
C ALA C 102 -19.01 -13.38 -26.26
N GLU C 103 -18.24 -13.07 -27.30
CA GLU C 103 -18.07 -13.99 -28.41
C GLU C 103 -17.26 -15.22 -28.02
N ALA C 104 -16.49 -15.10 -26.93
CA ALA C 104 -15.70 -16.23 -26.46
C ALA C 104 -16.59 -17.17 -25.65
N GLY C 105 -17.88 -16.84 -25.56
CA GLY C 105 -18.81 -17.69 -24.84
C GLY C 105 -19.31 -17.21 -23.48
N TYR C 106 -18.94 -16.00 -23.09
CA TYR C 106 -19.37 -15.48 -21.79
C TYR C 106 -20.40 -14.38 -21.97
N ARG C 107 -21.68 -14.72 -21.79
CA ARG C 107 -22.72 -13.74 -21.97
C ARG C 107 -22.71 -12.76 -20.80
N GLU C 108 -23.07 -11.50 -21.09
CA GLU C 108 -23.09 -10.47 -20.07
C GLU C 108 -24.17 -10.74 -19.03
N ASP C 109 -23.76 -10.74 -17.77
CA ASP C 109 -24.67 -10.93 -16.63
C ASP C 109 -24.17 -9.94 -15.58
N SER C 110 -24.94 -8.87 -15.37
CA SER C 110 -24.54 -7.87 -14.40
C SER C 110 -25.02 -8.16 -12.99
N GLU C 111 -25.68 -9.30 -12.80
CA GLU C 111 -26.21 -9.67 -11.49
C GLU C 111 -25.37 -10.71 -10.76
N ASN C 112 -25.19 -11.87 -11.36
CA ASN C 112 -24.39 -12.92 -10.72
C ASN C 112 -23.39 -13.56 -11.66
N PRO C 113 -22.57 -12.74 -12.33
CA PRO C 113 -21.58 -13.30 -13.26
C PRO C 113 -20.57 -14.18 -12.54
N ALA C 114 -20.00 -15.14 -13.24
CA ALA C 114 -19.01 -16.03 -12.66
C ALA C 114 -17.70 -15.25 -12.63
N TYR C 115 -17.55 -14.32 -13.58
CA TYR C 115 -16.34 -13.51 -13.69
C TYR C 115 -16.68 -12.02 -13.83
N VAL C 116 -15.80 -11.18 -13.31
CA VAL C 116 -15.92 -9.74 -13.44
C VAL C 116 -14.58 -9.35 -14.05
N VAL C 117 -14.61 -8.92 -15.30
CA VAL C 117 -13.39 -8.56 -16.01
C VAL C 117 -13.34 -7.07 -16.22
N VAL C 118 -12.19 -6.49 -15.89
CA VAL C 118 -12.04 -5.05 -16.01
C VAL C 118 -10.78 -4.60 -16.73
N GLY C 119 -10.99 -3.75 -17.74
CA GLY C 119 -9.92 -3.15 -18.51
C GLY C 119 -10.27 -1.67 -18.58
N LEU C 120 -9.51 -0.90 -19.34
CA LEU C 120 -9.77 0.52 -19.46
C LEU C 120 -11.14 0.76 -20.12
N ASP C 121 -11.90 1.70 -19.59
CA ASP C 121 -13.21 2.04 -20.15
C ASP C 121 -13.29 3.57 -20.12
N THR C 122 -13.12 4.20 -21.29
CA THR C 122 -13.19 5.65 -21.35
C THR C 122 -14.62 6.16 -21.17
N ASN C 123 -15.55 5.24 -20.92
CA ASN C 123 -16.93 5.61 -20.65
C ASN C 123 -17.35 5.09 -19.31
N LEU C 124 -16.37 4.94 -18.42
CA LEU C 124 -16.61 4.47 -17.05
C LEU C 124 -17.67 5.35 -16.43
N THR C 125 -18.55 4.74 -15.62
CA THR C 125 -19.57 5.48 -14.89
C THR C 125 -19.66 4.85 -13.50
N TYR C 126 -20.24 5.58 -12.55
CA TYR C 126 -20.38 5.07 -11.20
C TYR C 126 -21.21 3.79 -11.24
N GLU C 127 -22.27 3.79 -12.06
CA GLU C 127 -23.14 2.63 -12.18
C GLU C 127 -22.38 1.36 -12.58
N LYS C 128 -21.46 1.46 -13.53
CA LYS C 128 -20.66 0.31 -13.95
C LYS C 128 -19.75 -0.18 -12.81
N LEU C 129 -19.18 0.76 -12.07
CA LEU C 129 -18.31 0.43 -10.93
C LEU C 129 -19.15 -0.27 -9.87
N THR C 130 -20.35 0.25 -9.67
CA THR C 130 -21.28 -0.32 -8.69
C THR C 130 -21.66 -1.74 -9.09
N LEU C 131 -21.97 -1.94 -10.36
CA LEU C 131 -22.35 -3.26 -10.85
C LEU C 131 -21.21 -4.26 -10.58
N ALA C 132 -19.99 -3.85 -10.93
CA ALA C 132 -18.81 -4.69 -10.72
C ALA C 132 -18.57 -4.95 -9.23
N THR C 133 -18.67 -3.90 -8.42
CA THR C 133 -18.46 -4.03 -6.98
C THR C 133 -19.39 -5.05 -6.37
N LEU C 134 -20.67 -4.92 -6.68
CA LEU C 134 -21.68 -5.83 -6.14
C LEU C 134 -21.43 -7.26 -6.56
N ALA C 135 -21.14 -7.45 -7.85
CA ALA C 135 -20.89 -8.78 -8.39
C ALA C 135 -19.67 -9.42 -7.73
N ILE C 136 -18.59 -8.65 -7.55
CA ILE C 136 -17.37 -9.16 -6.92
C ILE C 136 -17.71 -9.60 -5.51
N GLN C 137 -18.44 -8.76 -4.78
CA GLN C 137 -18.83 -9.08 -3.42
C GLN C 137 -19.61 -10.40 -3.34
N LYS C 138 -20.36 -10.72 -4.38
CA LYS C 138 -21.13 -11.96 -4.40
C LYS C 138 -20.28 -13.19 -4.72
N GLY C 139 -19.01 -12.98 -5.06
CA GLY C 139 -18.14 -14.12 -5.35
C GLY C 139 -17.59 -14.24 -6.76
N ALA C 140 -17.90 -13.30 -7.64
CA ALA C 140 -17.38 -13.38 -8.99
C ALA C 140 -15.84 -13.33 -8.96
N VAL C 141 -15.21 -14.05 -9.89
CA VAL C 141 -13.75 -14.04 -9.98
C VAL C 141 -13.36 -12.71 -10.61
N PHE C 142 -12.64 -11.90 -9.83
CA PHE C 142 -12.20 -10.57 -10.21
C PHE C 142 -10.88 -10.58 -11.02
N ILE C 143 -11.00 -10.25 -12.31
CA ILE C 143 -9.85 -10.22 -13.21
C ILE C 143 -9.57 -8.84 -13.82
N GLY C 144 -8.29 -8.47 -13.85
CA GLY C 144 -7.90 -7.21 -14.47
C GLY C 144 -7.13 -7.53 -15.73
N THR C 145 -7.40 -6.82 -16.83
CA THR C 145 -6.70 -7.11 -18.07
C THR C 145 -5.24 -6.66 -17.99
N ASN C 146 -4.99 -5.49 -17.42
CA ASN C 146 -3.63 -4.97 -17.30
C ASN C 146 -3.53 -4.03 -16.10
N PRO C 147 -2.33 -3.91 -15.51
CA PRO C 147 -2.05 -3.08 -14.34
C PRO C 147 -1.67 -1.61 -14.52
N ASP C 148 -1.41 -1.21 -15.76
CA ASP C 148 -1.01 0.17 -16.05
C ASP C 148 -1.84 1.22 -15.29
N LEU C 149 -1.17 2.07 -14.53
CA LEU C 149 -1.86 3.10 -13.76
C LEU C 149 -2.30 4.25 -14.68
N ASN C 150 -1.59 4.42 -15.79
CA ASN C 150 -1.92 5.47 -16.72
C ASN C 150 -1.98 4.97 -18.15
N ILE C 151 -2.62 5.76 -19.00
CA ILE C 151 -2.72 5.46 -20.42
C ILE C 151 -2.29 6.79 -21.08
N PRO C 152 -1.18 6.77 -21.81
CA PRO C 152 -0.72 8.00 -22.46
C PRO C 152 -1.51 8.29 -23.74
N THR C 153 -2.13 9.46 -23.80
CA THR C 153 -2.92 9.83 -24.96
C THR C 153 -2.44 11.19 -25.42
N GLU C 154 -2.95 11.62 -26.57
CA GLU C 154 -2.58 12.91 -27.12
C GLU C 154 -3.03 14.00 -26.14
N ARG C 155 -3.98 13.66 -25.29
CA ARG C 155 -4.51 14.59 -24.30
C ARG C 155 -3.63 14.64 -23.05
N GLY C 156 -2.77 13.63 -22.87
CA GLY C 156 -1.89 13.57 -21.72
C GLY C 156 -1.93 12.24 -20.99
N LEU C 157 -1.39 12.18 -19.77
CA LEU C 157 -1.39 10.94 -18.99
C LEU C 157 -2.71 10.73 -18.27
N LEU C 158 -3.60 9.96 -18.89
CA LEU C 158 -4.91 9.71 -18.32
C LEU C 158 -4.98 8.45 -17.45
N PRO C 159 -6.06 8.29 -16.68
CA PRO C 159 -6.23 7.12 -15.82
C PRO C 159 -6.23 5.81 -16.61
N GLY C 160 -5.40 4.87 -16.20
CA GLY C 160 -5.34 3.59 -16.88
C GLY C 160 -6.19 2.51 -16.20
N ALA C 161 -6.20 1.33 -16.80
CA ALA C 161 -6.96 0.21 -16.25
C ALA C 161 -6.56 -0.08 -14.79
N GLY C 162 -5.27 -0.03 -14.49
CA GLY C 162 -4.80 -0.27 -13.13
C GLY C 162 -5.41 0.70 -12.12
N ALA C 163 -5.65 1.95 -12.51
CA ALA C 163 -6.22 2.91 -11.58
C ALA C 163 -7.66 2.49 -11.28
N ILE C 164 -8.40 2.10 -12.30
CA ILE C 164 -9.79 1.66 -12.12
C ILE C 164 -9.80 0.41 -11.24
N LEU C 165 -8.89 -0.52 -11.53
CA LEU C 165 -8.77 -1.74 -10.76
C LEU C 165 -8.56 -1.45 -9.27
N PHE C 166 -7.70 -0.47 -8.96
CA PHE C 166 -7.47 -0.12 -7.56
C PHE C 166 -8.72 0.41 -6.86
N LEU C 167 -9.52 1.18 -7.59
CA LEU C 167 -10.77 1.71 -7.02
C LEU C 167 -11.60 0.49 -6.59
N LEU C 168 -11.74 -0.47 -7.49
CA LEU C 168 -12.52 -1.66 -7.19
C LEU C 168 -11.92 -2.50 -6.08
N GLU C 169 -10.59 -2.63 -6.09
CA GLU C 169 -9.93 -3.40 -5.03
C GLU C 169 -10.24 -2.78 -3.68
N LYS C 170 -10.13 -1.44 -3.61
CA LYS C 170 -10.41 -0.74 -2.34
C LYS C 170 -11.87 -0.91 -1.90
N ALA C 171 -12.80 -0.80 -2.86
CA ALA C 171 -14.22 -0.92 -2.56
C ALA C 171 -14.68 -2.32 -2.18
N THR C 172 -14.00 -3.34 -2.69
CA THR C 172 -14.39 -4.73 -2.41
C THR C 172 -13.46 -5.50 -1.49
N ARG C 173 -12.25 -4.99 -1.30
CA ARG C 173 -11.23 -5.65 -0.48
C ARG C 173 -10.70 -6.94 -1.14
N VAL C 174 -10.99 -7.14 -2.43
CA VAL C 174 -10.42 -8.31 -3.10
C VAL C 174 -9.42 -7.86 -4.17
N LYS C 175 -8.22 -8.43 -4.13
CA LYS C 175 -7.17 -8.10 -5.09
C LYS C 175 -7.51 -8.80 -6.39
N PRO C 176 -7.49 -8.06 -7.50
CA PRO C 176 -7.81 -8.68 -8.78
C PRO C 176 -6.64 -9.52 -9.31
N ILE C 177 -6.94 -10.60 -10.02
CA ILE C 177 -5.87 -11.37 -10.62
C ILE C 177 -5.65 -10.62 -11.93
N ILE C 178 -4.46 -10.06 -12.11
CA ILE C 178 -4.13 -9.29 -13.29
C ILE C 178 -3.38 -10.12 -14.33
N ILE C 179 -3.86 -10.08 -15.56
CA ILE C 179 -3.30 -10.86 -16.67
C ILE C 179 -2.10 -10.25 -17.41
N GLY C 180 -2.23 -9.01 -17.88
CA GLY C 180 -1.17 -8.36 -18.64
C GLY C 180 0.20 -8.13 -18.04
N LYS C 181 1.13 -7.70 -18.89
CA LYS C 181 2.50 -7.40 -18.47
C LYS C 181 2.45 -6.37 -17.36
N PRO C 182 3.32 -6.50 -16.35
CA PRO C 182 4.36 -7.53 -16.26
C PRO C 182 3.97 -8.81 -15.50
N GLU C 183 2.68 -9.11 -15.38
CA GLU C 183 2.29 -10.31 -14.64
C GLU C 183 2.55 -11.64 -15.35
N ALA C 184 2.49 -12.72 -14.59
CA ALA C 184 2.79 -14.06 -15.09
C ALA C 184 1.96 -14.70 -16.20
N VAL C 185 0.63 -14.62 -16.10
CA VAL C 185 -0.23 -15.25 -17.08
C VAL C 185 0.01 -14.88 -18.54
N ILE C 186 0.09 -13.60 -18.87
CA ILE C 186 0.30 -13.25 -20.26
C ILE C 186 1.68 -13.73 -20.71
N MET C 187 2.67 -13.64 -19.84
CA MET C 187 4.01 -14.07 -20.21
C MET C 187 4.07 -15.60 -20.39
N ASN C 188 3.41 -16.34 -19.51
CA ASN C 188 3.41 -17.80 -19.61
C ASN C 188 2.78 -18.24 -20.93
N LYS C 189 1.62 -17.68 -21.24
CA LYS C 189 0.91 -18.03 -22.46
C LYS C 189 1.68 -17.58 -23.70
N ALA C 190 2.25 -16.38 -23.68
CA ALA C 190 3.01 -15.91 -24.84
C ALA C 190 4.18 -16.87 -25.04
N LEU C 191 4.82 -17.25 -23.94
CA LEU C 191 5.96 -18.17 -23.98
C LEU C 191 5.51 -19.48 -24.60
N ASP C 192 4.29 -19.89 -24.25
CA ASP C 192 3.73 -21.14 -24.75
C ASP C 192 3.56 -21.08 -26.26
N ARG C 193 3.02 -19.98 -26.75
CA ARG C 193 2.84 -19.83 -28.19
C ARG C 193 4.18 -19.72 -28.89
N LEU C 194 5.17 -19.19 -28.18
CA LEU C 194 6.50 -19.03 -28.73
C LEU C 194 7.11 -20.40 -29.05
N GLY C 195 6.69 -21.43 -28.31
CA GLY C 195 7.18 -22.78 -28.52
C GLY C 195 8.63 -23.03 -28.13
N VAL C 196 9.14 -22.22 -27.20
CA VAL C 196 10.52 -22.36 -26.76
C VAL C 196 10.56 -22.49 -25.23
N LYS C 197 11.67 -22.95 -24.69
CA LYS C 197 11.79 -23.08 -23.23
C LYS C 197 12.05 -21.69 -22.66
N ARG C 198 11.61 -21.46 -21.43
CA ARG C 198 11.75 -20.16 -20.76
C ARG C 198 13.14 -19.54 -20.86
N HIS C 199 14.18 -20.32 -20.60
CA HIS C 199 15.55 -19.79 -20.64
C HIS C 199 16.05 -19.57 -22.07
N GLU C 200 15.26 -19.97 -23.05
CA GLU C 200 15.69 -19.78 -24.43
C GLU C 200 15.02 -18.55 -25.03
N ALA C 201 14.10 -17.95 -24.29
CA ALA C 201 13.41 -16.78 -24.79
C ALA C 201 13.99 -15.48 -24.23
N ILE C 202 13.57 -14.37 -24.82
CA ILE C 202 14.00 -13.05 -24.37
C ILE C 202 12.88 -12.04 -24.67
N MET C 203 12.61 -11.17 -23.70
CA MET C 203 11.56 -10.15 -23.83
C MET C 203 12.23 -8.86 -24.31
N VAL C 204 11.72 -8.32 -25.41
CA VAL C 204 12.25 -7.10 -25.99
C VAL C 204 11.24 -5.96 -25.86
N GLY C 205 11.67 -4.87 -25.26
CA GLY C 205 10.77 -3.74 -25.08
C GLY C 205 11.46 -2.41 -24.83
N ASP C 206 10.65 -1.36 -24.73
CA ASP C 206 11.13 0.00 -24.50
C ASP C 206 10.73 0.52 -23.12
N ASN C 207 9.79 -0.16 -22.48
CA ASN C 207 9.30 0.26 -21.17
C ASN C 207 9.82 -0.60 -20.03
N TYR C 208 10.65 -0.02 -19.18
CA TYR C 208 11.22 -0.77 -18.07
C TYR C 208 10.19 -1.42 -17.15
N LEU C 209 9.21 -0.64 -16.72
CA LEU C 209 8.19 -1.14 -15.81
C LEU C 209 7.26 -2.22 -16.35
N THR C 210 6.86 -2.10 -17.61
CA THR C 210 5.94 -3.08 -18.19
C THR C 210 6.61 -4.24 -18.91
N ASP C 211 7.67 -3.97 -19.66
CA ASP C 211 8.35 -5.01 -20.43
C ASP C 211 9.54 -5.68 -19.74
N ILE C 212 10.47 -4.88 -19.23
CA ILE C 212 11.66 -5.44 -18.59
C ILE C 212 11.32 -6.12 -17.27
N THR C 213 10.46 -5.50 -16.50
CA THR C 213 10.04 -6.05 -15.22
C THR C 213 9.31 -7.36 -15.51
N ALA C 214 8.65 -7.42 -16.66
CA ALA C 214 7.91 -8.61 -17.05
C ALA C 214 8.90 -9.76 -17.19
N GLY C 215 10.11 -9.44 -17.66
CA GLY C 215 11.13 -10.45 -17.82
C GLY C 215 11.72 -10.86 -16.48
N ILE C 216 12.28 -9.88 -15.79
CA ILE C 216 12.89 -10.09 -14.48
C ILE C 216 11.98 -10.86 -13.52
N LYS C 217 10.77 -10.36 -13.33
CA LYS C 217 9.79 -10.96 -12.43
C LYS C 217 9.45 -12.41 -12.80
N ASN C 218 9.45 -12.71 -14.10
CA ASN C 218 9.09 -14.04 -14.56
C ASN C 218 10.25 -14.91 -15.02
N ASP C 219 11.46 -14.51 -14.64
CA ASP C 219 12.64 -15.27 -14.99
C ASP C 219 12.81 -15.45 -16.51
N ILE C 220 12.75 -14.34 -17.23
CA ILE C 220 12.94 -14.35 -18.68
C ILE C 220 13.92 -13.23 -19.00
N ALA C 221 14.90 -13.55 -19.83
CA ALA C 221 15.93 -12.61 -20.23
C ALA C 221 15.29 -11.34 -20.80
N THR C 222 16.01 -10.23 -20.71
CA THR C 222 15.46 -8.97 -21.19
C THR C 222 16.39 -8.11 -22.03
N LEU C 223 15.79 -7.47 -23.04
CA LEU C 223 16.52 -6.57 -23.93
C LEU C 223 15.75 -5.26 -23.88
N LEU C 224 16.38 -4.23 -23.34
CA LEU C 224 15.75 -2.91 -23.24
C LEU C 224 16.30 -1.98 -24.33
N VAL C 225 15.39 -1.39 -25.10
CA VAL C 225 15.78 -0.46 -26.16
C VAL C 225 15.44 0.94 -25.65
N THR C 226 16.46 1.80 -25.55
CA THR C 226 16.29 3.16 -25.05
C THR C 226 15.32 4.03 -25.84
N THR C 227 14.68 3.45 -26.85
CA THR C 227 13.70 4.20 -27.60
C THR C 227 12.47 4.18 -26.69
N GLY C 228 11.38 4.79 -27.12
CA GLY C 228 10.17 4.77 -26.31
C GLY C 228 10.23 5.32 -24.89
N PHE C 229 9.28 4.89 -24.07
CA PHE C 229 9.13 5.31 -22.69
C PHE C 229 10.40 5.58 -21.85
N THR C 230 11.10 4.52 -21.49
CA THR C 230 12.32 4.65 -20.68
C THR C 230 13.47 5.32 -21.40
N LYS C 231 13.74 6.57 -21.04
CA LYS C 231 14.83 7.34 -21.64
C LYS C 231 16.18 6.73 -21.29
N PRO C 232 17.17 6.89 -22.18
CA PRO C 232 18.52 6.35 -21.98
C PRO C 232 19.27 6.84 -20.74
N GLU C 233 18.92 8.03 -20.26
CA GLU C 233 19.59 8.60 -19.08
C GLU C 233 19.07 7.96 -17.81
N GLU C 234 17.86 7.41 -17.88
CA GLU C 234 17.22 6.77 -16.75
C GLU C 234 17.75 5.37 -16.44
N VAL C 235 18.44 4.75 -17.40
CA VAL C 235 18.92 3.40 -17.20
C VAL C 235 19.92 3.18 -16.05
N PRO C 236 20.85 4.11 -15.83
CA PRO C 236 21.80 3.87 -14.73
C PRO C 236 21.12 3.74 -13.37
N ALA C 237 19.98 4.42 -13.21
CA ALA C 237 19.25 4.42 -11.95
C ALA C 237 18.28 3.25 -11.75
N LEU C 238 18.10 2.42 -12.78
CA LEU C 238 17.18 1.30 -12.69
C LEU C 238 17.57 0.35 -11.54
N PRO C 239 16.57 -0.12 -10.77
CA PRO C 239 16.86 -1.02 -9.64
C PRO C 239 17.51 -2.34 -10.08
N ILE C 240 17.10 -2.85 -11.23
CA ILE C 240 17.64 -4.10 -11.79
C ILE C 240 17.96 -3.83 -13.25
N GLN C 241 19.23 -4.00 -13.63
CA GLN C 241 19.61 -3.75 -15.02
C GLN C 241 19.09 -4.87 -15.93
N PRO C 242 18.62 -4.51 -17.13
CA PRO C 242 18.13 -5.58 -18.01
C PRO C 242 19.37 -6.37 -18.42
N ASP C 243 19.18 -7.54 -19.01
CA ASP C 243 20.34 -8.31 -19.43
C ASP C 243 21.10 -7.59 -20.54
N PHE C 244 20.36 -6.85 -21.37
CA PHE C 244 20.96 -6.10 -22.48
C PHE C 244 20.29 -4.75 -22.65
N VAL C 245 21.08 -3.74 -23.00
CA VAL C 245 20.55 -2.40 -23.23
C VAL C 245 21.09 -1.90 -24.58
N LEU C 246 20.18 -1.46 -25.45
CA LEU C 246 20.57 -0.98 -26.77
C LEU C 246 19.86 0.31 -27.11
N SER C 247 20.51 1.16 -27.91
CA SER C 247 19.90 2.43 -28.31
C SER C 247 18.99 2.19 -29.52
N SER C 248 19.26 1.12 -30.25
CA SER C 248 18.49 0.74 -31.44
C SER C 248 18.52 -0.76 -31.65
N LEU C 249 17.38 -1.32 -32.08
CA LEU C 249 17.30 -2.76 -32.32
C LEU C 249 18.28 -3.17 -33.41
N ALA C 250 18.70 -2.21 -34.23
CA ALA C 250 19.64 -2.48 -35.31
C ALA C 250 20.96 -3.01 -34.73
N GLU C 251 21.25 -2.67 -33.48
CA GLU C 251 22.49 -3.11 -32.82
C GLU C 251 22.45 -4.58 -32.42
N TRP C 252 21.26 -5.18 -32.45
CA TRP C 252 21.14 -6.59 -32.05
C TRP C 252 21.64 -7.56 -33.10
N ASP C 253 22.45 -8.51 -32.66
CA ASP C 253 23.02 -9.53 -33.52
C ASP C 253 22.51 -10.90 -33.06
N PHE C 254 21.76 -11.58 -33.94
CA PHE C 254 21.24 -12.90 -33.60
C PHE C 254 22.38 -13.92 -33.64
N THR D 2 -0.09 38.62 9.16
CA THR D 2 1.04 38.67 10.14
C THR D 2 1.07 37.37 10.93
N TYR D 3 2.20 36.69 10.93
CA TYR D 3 2.35 35.44 11.67
C TYR D 3 2.79 35.77 13.09
N LYS D 4 2.11 35.17 14.07
CA LYS D 4 2.40 35.43 15.47
C LYS D 4 3.24 34.37 16.16
N GLY D 5 3.35 33.18 15.56
CA GLY D 5 4.13 32.12 16.17
C GLY D 5 4.88 31.31 15.14
N TYR D 6 6.04 30.76 15.52
CA TYR D 6 6.85 29.98 14.61
C TYR D 6 7.20 28.57 15.07
N LEU D 7 6.95 27.59 14.21
CA LEU D 7 7.31 26.21 14.49
C LEU D 7 8.51 26.02 13.56
N ILE D 8 9.63 25.54 14.10
CA ILE D 8 10.83 25.41 13.30
C ILE D 8 11.54 24.09 13.42
N ASP D 9 11.91 23.52 12.27
CA ASP D 9 12.66 22.25 12.22
C ASP D 9 14.09 22.54 12.64
N LEU D 10 14.76 21.55 13.24
CA LEU D 10 16.13 21.74 13.68
C LEU D 10 17.17 21.44 12.60
N ASP D 11 17.56 20.18 12.48
CA ASP D 11 18.56 19.80 11.50
C ASP D 11 18.11 20.07 10.05
N GLY D 12 18.98 20.76 9.31
CA GLY D 12 18.72 21.09 7.93
C GLY D 12 18.17 22.50 7.77
N THR D 13 17.69 23.08 8.87
CA THR D 13 17.11 24.42 8.82
C THR D 13 17.95 25.49 9.49
N ILE D 14 18.25 25.30 10.77
CA ILE D 14 19.05 26.28 11.50
C ILE D 14 20.50 25.83 11.61
N TYR D 15 20.80 24.74 10.92
CA TYR D 15 22.15 24.18 10.86
C TYR D 15 22.02 22.91 10.01
N LYS D 16 23.14 22.37 9.55
CA LYS D 16 23.10 21.16 8.73
C LYS D 16 24.27 20.25 9.04
N GLY D 17 23.97 19.08 9.62
CA GLY D 17 25.01 18.13 9.98
C GLY D 17 25.89 18.77 11.04
N LYS D 18 27.20 18.71 10.85
CA LYS D 18 28.14 19.30 11.80
C LYS D 18 28.34 20.76 11.39
N ASP D 19 27.96 21.07 10.16
CA ASP D 19 28.07 22.42 9.60
C ASP D 19 26.93 23.30 10.11
N ARG D 20 27.19 24.60 10.21
CA ARG D 20 26.18 25.51 10.68
C ARG D 20 25.63 26.40 9.56
N ILE D 21 24.53 27.07 9.84
CA ILE D 21 23.89 27.96 8.89
C ILE D 21 23.68 29.26 9.63
N PRO D 22 24.61 30.22 9.47
CA PRO D 22 24.51 31.51 10.16
C PRO D 22 23.14 32.19 10.01
N ALA D 23 22.53 32.07 8.83
CA ALA D 23 21.23 32.68 8.59
C ALA D 23 20.21 32.04 9.53
N GLY D 24 20.36 30.74 9.77
CA GLY D 24 19.46 30.03 10.66
C GLY D 24 19.62 30.52 12.10
N GLU D 25 20.85 30.59 12.56
CA GLU D 25 21.15 31.03 13.91
C GLU D 25 20.59 32.43 14.11
N ASP D 26 20.79 33.27 13.09
CA ASP D 26 20.31 34.65 13.11
C ASP D 26 18.78 34.71 13.17
N PHE D 27 18.13 33.79 12.48
CA PHE D 27 16.68 33.72 12.45
C PHE D 27 16.12 33.58 13.87
N VAL D 28 16.71 32.68 14.65
CA VAL D 28 16.27 32.49 16.02
C VAL D 28 16.56 33.75 16.84
N LYS D 29 17.76 34.30 16.69
CA LYS D 29 18.11 35.50 17.42
C LYS D 29 17.14 36.62 17.10
N ARG D 30 16.79 36.77 15.83
CA ARG D 30 15.84 37.81 15.44
C ARG D 30 14.48 37.57 16.11
N LEU D 31 14.05 36.31 16.16
CA LEU D 31 12.78 35.96 16.79
C LEU D 31 12.82 36.36 18.27
N GLN D 32 13.93 36.03 18.92
CA GLN D 32 14.11 36.36 20.32
C GLN D 32 14.05 37.88 20.53
N GLU D 33 14.66 38.63 19.62
CA GLU D 33 14.65 40.09 19.71
C GLU D 33 13.26 40.67 19.60
N ARG D 34 12.44 40.12 18.71
CA ARG D 34 11.08 40.63 18.54
C ARG D 34 10.19 40.02 19.60
N GLN D 35 10.74 39.11 20.38
CA GLN D 35 9.99 38.41 21.42
C GLN D 35 8.80 37.66 20.80
N LEU D 36 9.03 37.09 19.62
CA LEU D 36 8.01 36.30 18.94
C LEU D 36 8.12 34.88 19.44
N PRO D 37 7.01 34.28 19.89
CA PRO D 37 7.05 32.90 20.37
C PRO D 37 7.47 31.91 19.27
N TYR D 38 8.20 30.87 19.66
CA TYR D 38 8.63 29.88 18.70
C TYR D 38 8.95 28.58 19.41
N ILE D 39 8.83 27.47 18.68
CA ILE D 39 9.14 26.16 19.22
C ILE D 39 9.92 25.41 18.16
N LEU D 40 11.04 24.80 18.58
CA LEU D 40 11.87 24.02 17.68
C LEU D 40 11.32 22.60 17.74
N VAL D 41 10.91 22.06 16.60
CA VAL D 41 10.33 20.74 16.56
C VAL D 41 11.21 19.77 15.79
N THR D 42 11.58 18.67 16.45
CA THR D 42 12.42 17.65 15.85
C THR D 42 11.86 16.24 16.06
N ASN D 43 12.07 15.38 15.06
CA ASN D 43 11.63 14.00 15.14
C ASN D 43 12.70 13.13 15.79
N ASN D 44 13.84 13.73 16.11
CA ASN D 44 14.94 13.00 16.75
C ASN D 44 14.53 12.47 18.11
N THR D 45 14.76 11.18 18.35
CA THR D 45 14.40 10.58 19.63
C THR D 45 15.60 10.15 20.49
N THR D 46 16.81 10.45 20.05
CA THR D 46 18.00 10.06 20.80
C THR D 46 18.49 11.10 21.82
N ARG D 47 18.48 12.37 21.45
CA ARG D 47 18.94 13.42 22.35
C ARG D 47 17.80 14.04 23.15
N THR D 48 18.04 14.22 24.45
CA THR D 48 17.05 14.83 25.33
C THR D 48 16.99 16.32 25.03
N PRO D 49 15.96 17.01 25.53
CA PRO D 49 15.85 18.46 25.29
C PRO D 49 17.11 19.16 25.78
N GLU D 50 17.62 18.74 26.94
CA GLU D 50 18.83 19.32 27.53
C GLU D 50 20.01 19.15 26.56
N MET D 51 20.18 17.94 26.07
CA MET D 51 21.27 17.66 25.13
C MET D 51 21.12 18.57 23.91
N VAL D 52 19.90 18.67 23.39
CA VAL D 52 19.64 19.52 22.24
C VAL D 52 19.96 20.97 22.56
N GLN D 53 19.51 21.44 23.72
CA GLN D 53 19.76 22.82 24.13
C GLN D 53 21.26 23.11 24.20
N GLU D 54 21.99 22.21 24.83
CA GLU D 54 23.43 22.37 24.98
C GLU D 54 24.14 22.35 23.63
N MET D 55 23.74 21.44 22.75
CA MET D 55 24.33 21.36 21.42
C MET D 55 24.16 22.69 20.69
N LEU D 56 22.96 23.24 20.75
CA LEU D 56 22.67 24.51 20.09
C LEU D 56 23.56 25.65 20.54
N ALA D 57 23.72 25.77 21.86
CA ALA D 57 24.54 26.83 22.44
C ALA D 57 26.04 26.59 22.22
N THR D 58 26.47 25.35 22.42
CA THR D 58 27.87 24.99 22.27
C THR D 58 28.38 24.95 20.84
N SER D 59 27.60 24.40 19.93
CA SER D 59 28.03 24.27 18.55
C SER D 59 27.46 25.25 17.53
N PHE D 60 26.41 25.99 17.90
CA PHE D 60 25.80 26.90 16.93
C PHE D 60 25.41 28.28 17.45
N ASN D 61 26.01 28.72 18.55
CA ASN D 61 25.70 30.04 19.11
C ASN D 61 24.23 30.33 19.32
N ILE D 62 23.45 29.27 19.50
CA ILE D 62 22.02 29.45 19.75
C ILE D 62 21.71 29.12 21.19
N LYS D 63 21.25 30.11 21.92
CA LYS D 63 20.89 29.92 23.32
C LYS D 63 19.38 30.10 23.38
N THR D 64 18.67 29.01 23.65
CA THR D 64 17.23 29.07 23.71
C THR D 64 16.71 28.36 24.95
N PRO D 65 15.62 28.86 25.55
CA PRO D 65 15.05 28.25 26.75
C PRO D 65 14.74 26.77 26.49
N LEU D 66 14.82 25.95 27.53
CA LEU D 66 14.57 24.54 27.40
C LEU D 66 13.16 24.22 26.89
N GLU D 67 12.19 25.03 27.28
CA GLU D 67 10.80 24.84 26.88
C GLU D 67 10.51 25.09 25.40
N THR D 68 11.48 25.62 24.67
CA THR D 68 11.27 25.87 23.24
C THR D 68 11.65 24.64 22.42
N ILE D 69 12.18 23.62 23.08
CA ILE D 69 12.60 22.42 22.40
C ILE D 69 11.58 21.29 22.56
N TYR D 70 10.88 20.98 21.47
CA TYR D 70 9.87 19.93 21.51
C TYR D 70 10.23 18.78 20.58
N THR D 71 10.49 17.61 21.15
CA THR D 71 10.87 16.44 20.37
C THR D 71 9.75 15.43 20.24
N ALA D 72 9.95 14.45 19.35
CA ALA D 72 8.97 13.40 19.16
C ALA D 72 8.85 12.57 20.45
N THR D 73 9.94 12.49 21.21
CA THR D 73 9.92 11.74 22.48
C THR D 73 8.95 12.41 23.43
N LEU D 74 9.05 13.74 23.57
CA LEU D 74 8.16 14.48 24.44
C LEU D 74 6.71 14.34 23.99
N ALA D 75 6.50 14.50 22.69
CA ALA D 75 5.16 14.40 22.14
C ALA D 75 4.56 13.02 22.41
N THR D 76 5.38 11.99 22.26
CA THR D 76 4.94 10.62 22.48
C THR D 76 4.52 10.41 23.94
N ILE D 77 5.32 10.91 24.87
CA ILE D 77 4.99 10.75 26.28
C ILE D 77 3.72 11.54 26.61
N ASP D 78 3.59 12.76 26.08
CA ASP D 78 2.40 13.56 26.34
C ASP D 78 1.16 12.79 25.85
N TYR D 79 1.27 12.19 24.67
CA TYR D 79 0.18 11.43 24.11
C TYR D 79 -0.15 10.25 25.02
N MET D 80 0.89 9.52 25.43
CA MET D 80 0.69 8.37 26.32
C MET D 80 -0.04 8.84 27.58
N ASN D 81 0.40 9.94 28.17
CA ASN D 81 -0.25 10.47 29.37
C ASN D 81 -1.70 10.86 29.12
N ASP D 82 -1.98 11.42 27.95
CA ASP D 82 -3.34 11.82 27.59
C ASP D 82 -4.30 10.64 27.44
N MET D 83 -3.86 9.60 26.75
CA MET D 83 -4.70 8.43 26.52
C MET D 83 -4.99 7.67 27.82
N LYS D 84 -4.10 7.84 28.77
CA LYS D 84 -4.20 7.22 30.09
C LYS D 84 -4.63 5.74 30.18
N ARG D 85 -3.77 4.85 29.71
CA ARG D 85 -4.03 3.43 29.84
C ARG D 85 -2.93 2.98 30.77
N GLY D 86 -2.86 1.70 31.10
CA GLY D 86 -1.83 1.23 32.03
C GLY D 86 -0.51 2.01 32.05
N LYS D 87 0.17 2.02 33.19
CA LYS D 87 1.45 2.72 33.28
C LYS D 87 2.61 1.80 32.96
N THR D 88 2.44 1.01 31.90
CA THR D 88 3.48 0.10 31.47
C THR D 88 3.67 0.21 29.96
N ALA D 89 4.87 -0.08 29.52
CA ALA D 89 5.17 0.00 28.11
C ALA D 89 6.41 -0.81 27.74
N TYR D 90 6.39 -1.33 26.53
CA TYR D 90 7.54 -2.04 26.02
C TYR D 90 8.05 -1.07 24.97
N VAL D 91 9.32 -0.69 25.07
CA VAL D 91 9.88 0.27 24.15
C VAL D 91 11.03 -0.25 23.29
N ILE D 92 10.96 0.05 22.01
CA ILE D 92 12.02 -0.30 21.07
C ILE D 92 12.62 1.04 20.67
N GLY D 93 13.91 1.21 20.93
CA GLY D 93 14.57 2.45 20.59
C GLY D 93 15.92 2.57 21.27
N GLU D 94 16.53 3.74 21.15
CA GLU D 94 17.83 3.97 21.77
C GLU D 94 17.61 4.09 23.26
N THR D 95 18.69 3.94 24.03
CA THR D 95 18.61 4.02 25.48
C THR D 95 17.92 5.30 25.96
N GLY D 96 18.17 6.41 25.27
CA GLY D 96 17.56 7.68 25.65
C GLY D 96 16.05 7.62 25.67
N LEU D 97 15.45 7.10 24.60
CA LEU D 97 13.99 6.99 24.50
C LEU D 97 13.42 6.05 25.55
N LYS D 98 14.07 4.90 25.73
CA LYS D 98 13.61 3.93 26.72
C LYS D 98 13.67 4.53 28.12
N LYS D 99 14.71 5.31 28.38
CA LYS D 99 14.87 5.94 29.67
C LYS D 99 13.78 6.99 29.89
N ALA D 100 13.59 7.88 28.93
CA ALA D 100 12.58 8.93 29.06
C ALA D 100 11.19 8.36 29.34
N VAL D 101 10.84 7.27 28.69
CA VAL D 101 9.52 6.69 28.90
C VAL D 101 9.40 6.07 30.31
N ALA D 102 10.44 5.38 30.76
CA ALA D 102 10.41 4.77 32.08
C ALA D 102 10.34 5.85 33.15
N GLU D 103 11.11 6.91 32.98
CA GLU D 103 11.12 8.01 33.93
C GLU D 103 9.82 8.80 33.90
N ALA D 104 9.07 8.68 32.82
CA ALA D 104 7.79 9.36 32.70
C ALA D 104 6.73 8.56 33.44
N GLY D 105 7.13 7.44 34.04
CA GLY D 105 6.19 6.62 34.79
C GLY D 105 5.73 5.32 34.17
N TYR D 106 6.33 4.94 33.04
CA TYR D 106 5.95 3.69 32.40
C TYR D 106 7.07 2.67 32.54
N ARG D 107 6.91 1.74 33.48
CA ARG D 107 7.93 0.72 33.68
C ARG D 107 7.90 -0.27 32.52
N GLU D 108 9.07 -0.80 32.18
CA GLU D 108 9.18 -1.75 31.09
C GLU D 108 8.50 -3.07 31.45
N ASP D 109 7.60 -3.51 30.57
CA ASP D 109 6.89 -4.77 30.72
C ASP D 109 6.87 -5.36 29.31
N SER D 110 7.65 -6.40 29.09
CA SER D 110 7.71 -7.03 27.78
C SER D 110 6.64 -8.11 27.58
N GLU D 111 5.79 -8.31 28.58
CA GLU D 111 4.76 -9.34 28.47
C GLU D 111 3.37 -8.80 28.16
N ASN D 112 2.85 -7.92 29.02
CA ASN D 112 1.53 -7.36 28.79
C ASN D 112 1.49 -5.84 28.96
N PRO D 113 2.39 -5.13 28.26
CA PRO D 113 2.40 -3.67 28.38
C PRO D 113 1.11 -3.04 27.88
N ALA D 114 0.77 -1.88 28.44
CA ALA D 114 -0.43 -1.17 28.01
C ALA D 114 -0.09 -0.48 26.69
N TYR D 115 1.18 -0.14 26.51
CA TYR D 115 1.67 0.52 25.30
C TYR D 115 2.89 -0.17 24.73
N VAL D 116 3.04 -0.09 23.41
CA VAL D 116 4.23 -0.61 22.74
C VAL D 116 4.67 0.60 21.93
N VAL D 117 5.82 1.16 22.31
CA VAL D 117 6.35 2.36 21.67
C VAL D 117 7.58 2.01 20.87
N VAL D 118 7.61 2.47 19.62
CA VAL D 118 8.72 2.16 18.75
C VAL D 118 9.30 3.34 18.01
N GLY D 119 10.61 3.48 18.15
CA GLY D 119 11.37 4.52 17.48
C GLY D 119 12.58 3.79 16.91
N LEU D 120 13.53 4.54 16.35
CA LEU D 120 14.71 3.92 15.77
C LEU D 120 15.55 3.21 16.85
N ASP D 121 16.00 2.01 16.55
CA ASP D 121 16.86 1.26 17.47
C ASP D 121 17.99 0.66 16.64
N THR D 122 19.19 1.25 16.72
CA THR D 122 20.33 0.74 15.97
C THR D 122 20.81 -0.61 16.52
N ASN D 123 20.14 -1.09 17.56
CA ASN D 123 20.49 -2.40 18.11
C ASN D 123 19.29 -3.33 18.01
N LEU D 124 18.44 -3.07 17.02
CA LEU D 124 17.26 -3.88 16.77
C LEU D 124 17.67 -5.36 16.63
N THR D 125 16.87 -6.24 17.21
CA THR D 125 17.09 -7.67 17.10
C THR D 125 15.73 -8.33 16.83
N TYR D 126 15.76 -9.56 16.34
CA TYR D 126 14.53 -10.27 16.06
C TYR D 126 13.75 -10.42 17.36
N GLU D 127 14.45 -10.74 18.45
CA GLU D 127 13.81 -10.91 19.74
C GLU D 127 12.99 -9.68 20.17
N LYS D 128 13.54 -8.48 19.97
CA LYS D 128 12.81 -7.26 20.34
C LYS D 128 11.55 -7.10 19.48
N LEU D 129 11.66 -7.41 18.19
CA LEU D 129 10.54 -7.33 17.24
C LEU D 129 9.46 -8.34 17.67
N THR D 130 9.92 -9.51 18.06
CA THR D 130 9.04 -10.56 18.52
C THR D 130 8.31 -10.11 19.77
N LEU D 131 9.05 -9.54 20.71
CA LEU D 131 8.45 -9.08 21.96
C LEU D 131 7.34 -8.06 21.65
N ALA D 132 7.66 -7.10 20.78
CA ALA D 132 6.70 -6.06 20.40
C ALA D 132 5.51 -6.67 19.66
N THR D 133 5.78 -7.59 18.74
CA THR D 133 4.70 -8.21 17.96
C THR D 133 3.69 -8.90 18.87
N LEU D 134 4.21 -9.70 19.79
CA LEU D 134 3.36 -10.45 20.71
C LEU D 134 2.53 -9.53 21.58
N ALA D 135 3.17 -8.50 22.11
CA ALA D 135 2.50 -7.53 22.97
C ALA D 135 1.39 -6.80 22.22
N ILE D 136 1.67 -6.40 20.96
CA ILE D 136 0.69 -5.70 20.16
C ILE D 136 -0.50 -6.61 19.94
N GLN D 137 -0.22 -7.87 19.60
CA GLN D 137 -1.27 -8.84 19.36
C GLN D 137 -2.17 -9.00 20.58
N LYS D 138 -1.61 -8.84 21.77
CA LYS D 138 -2.39 -8.97 23.00
C LYS D 138 -3.24 -7.75 23.31
N GLY D 139 -3.11 -6.68 22.51
CA GLY D 139 -3.91 -5.48 22.77
C GLY D 139 -3.16 -4.21 23.16
N ALA D 140 -1.85 -4.25 23.28
CA ALA D 140 -1.11 -3.03 23.62
C ALA D 140 -1.35 -1.93 22.57
N VAL D 141 -1.38 -0.68 23.01
CA VAL D 141 -1.57 0.44 22.10
C VAL D 141 -0.25 0.65 21.37
N PHE D 142 -0.30 0.44 20.05
CA PHE D 142 0.88 0.53 19.18
C PHE D 142 1.18 1.97 18.73
N ILE D 143 2.29 2.51 19.23
CA ILE D 143 2.70 3.87 18.91
C ILE D 143 4.07 3.97 18.23
N GLY D 144 4.16 4.81 17.19
CA GLY D 144 5.42 5.04 16.50
C GLY D 144 5.89 6.46 16.81
N THR D 145 7.17 6.63 17.11
CA THR D 145 7.65 7.98 17.43
C THR D 145 7.70 8.86 16.20
N ASN D 146 8.15 8.31 15.09
CA ASN D 146 8.24 9.07 13.83
C ASN D 146 8.16 8.13 12.63
N PRO D 147 7.62 8.64 11.50
CA PRO D 147 7.45 7.87 10.26
C PRO D 147 8.60 7.75 9.27
N ASP D 148 9.65 8.52 9.46
CA ASP D 148 10.80 8.50 8.54
C ASP D 148 11.24 7.09 8.14
N LEU D 149 11.26 6.84 6.82
CA LEU D 149 11.64 5.55 6.30
C LEU D 149 13.15 5.36 6.37
N ASN D 150 13.88 6.46 6.36
CA ASN D 150 15.32 6.40 6.43
C ASN D 150 15.87 7.37 7.46
N ILE D 151 17.12 7.13 7.85
CA ILE D 151 17.85 7.98 8.79
C ILE D 151 19.17 8.24 8.07
N PRO D 152 19.45 9.50 7.73
CA PRO D 152 20.70 9.79 7.04
C PRO D 152 21.87 9.83 8.00
N THR D 153 22.87 8.98 7.77
CA THR D 153 24.05 8.97 8.64
C THR D 153 25.31 9.12 7.79
N GLU D 154 26.44 9.29 8.46
CA GLU D 154 27.69 9.44 7.74
C GLU D 154 27.94 8.17 6.92
N ARG D 155 27.28 7.10 7.32
CA ARG D 155 27.42 5.82 6.63
C ARG D 155 26.49 5.72 5.41
N GLY D 156 25.49 6.60 5.33
CA GLY D 156 24.55 6.58 4.21
C GLY D 156 23.10 6.59 4.65
N LEU D 157 22.19 6.30 3.73
CA LEU D 157 20.75 6.27 4.06
C LEU D 157 20.35 4.94 4.69
N LEU D 158 20.35 4.90 6.01
CA LEU D 158 20.00 3.69 6.72
C LEU D 158 18.51 3.58 7.06
N PRO D 159 18.06 2.38 7.50
CA PRO D 159 16.66 2.15 7.85
C PRO D 159 16.22 3.06 9.00
N GLY D 160 15.09 3.74 8.81
CA GLY D 160 14.60 4.62 9.85
C GLY D 160 13.51 3.96 10.67
N ALA D 161 13.01 4.69 11.66
CA ALA D 161 11.95 4.20 12.52
C ALA D 161 10.74 3.75 11.68
N GLY D 162 10.38 4.52 10.67
CA GLY D 162 9.24 4.16 9.84
C GLY D 162 9.39 2.78 9.20
N ALA D 163 10.61 2.39 8.84
CA ALA D 163 10.81 1.09 8.21
C ALA D 163 10.55 -0.03 9.24
N ILE D 164 11.03 0.19 10.46
CA ILE D 164 10.82 -0.78 11.52
C ILE D 164 9.31 -0.86 11.82
N LEU D 165 8.65 0.30 11.90
CA LEU D 165 7.22 0.36 12.13
C LEU D 165 6.45 -0.46 11.10
N PHE D 166 6.83 -0.35 9.84
CA PHE D 166 6.14 -1.11 8.80
C PHE D 166 6.30 -2.62 8.96
N LEU D 167 7.47 -3.05 9.42
CA LEU D 167 7.71 -4.48 9.65
C LEU D 167 6.66 -4.92 10.68
N LEU D 168 6.54 -4.18 11.76
CA LEU D 168 5.59 -4.53 12.80
C LEU D 168 4.15 -4.43 12.35
N GLU D 169 3.84 -3.43 11.55
CA GLU D 169 2.48 -3.27 11.05
C GLU D 169 2.13 -4.51 10.22
N LYS D 170 3.04 -4.93 9.35
CA LYS D 170 2.80 -6.10 8.52
C LYS D 170 2.64 -7.37 9.35
N ALA D 171 3.48 -7.52 10.38
CA ALA D 171 3.43 -8.70 11.24
C ALA D 171 2.22 -8.79 12.16
N THR D 172 1.67 -7.65 12.55
CA THR D 172 0.53 -7.63 13.46
C THR D 172 -0.79 -7.22 12.84
N ARG D 173 -0.73 -6.61 11.67
CA ARG D 173 -1.92 -6.12 10.98
C ARG D 173 -2.53 -4.90 11.69
N VAL D 174 -1.80 -4.28 12.61
CA VAL D 174 -2.33 -3.07 13.25
C VAL D 174 -1.46 -1.86 12.87
N LYS D 175 -2.11 -0.82 12.38
CA LYS D 175 -1.44 0.41 11.98
C LYS D 175 -1.05 1.18 13.23
N PRO D 176 0.23 1.57 13.35
CA PRO D 176 0.64 2.30 14.54
C PRO D 176 0.16 3.75 14.49
N ILE D 177 -0.14 4.31 15.65
CA ILE D 177 -0.50 5.72 15.69
C ILE D 177 0.89 6.38 15.78
N ILE D 178 1.22 7.17 14.77
CA ILE D 178 2.51 7.84 14.67
C ILE D 178 2.44 9.28 15.15
N ILE D 179 3.34 9.63 16.07
CA ILE D 179 3.39 10.94 16.70
C ILE D 179 4.11 12.04 15.94
N GLY D 180 5.35 11.79 15.52
CA GLY D 180 6.15 12.80 14.84
C GLY D 180 5.72 13.38 13.50
N LYS D 181 6.44 14.42 13.07
CA LYS D 181 6.16 15.09 11.81
C LYS D 181 6.21 14.07 10.68
N PRO D 182 5.31 14.19 9.69
CA PRO D 182 4.29 15.23 9.56
C PRO D 182 2.92 14.94 10.18
N GLU D 183 2.84 14.01 11.13
CA GLU D 183 1.53 13.69 11.71
C GLU D 183 0.98 14.75 12.67
N ALA D 184 -0.32 14.66 12.95
CA ALA D 184 -1.04 15.61 13.77
C ALA D 184 -0.63 15.85 15.22
N VAL D 185 -0.43 14.79 15.99
CA VAL D 185 -0.13 14.96 17.41
C VAL D 185 1.04 15.85 17.75
N ILE D 186 2.20 15.66 17.12
CA ILE D 186 3.32 16.51 17.46
C ILE D 186 3.06 17.96 17.06
N MET D 187 2.36 18.16 15.94
CA MET D 187 2.06 19.51 15.50
C MET D 187 1.04 20.18 16.41
N ASN D 188 0.02 19.44 16.84
CA ASN D 188 -1.01 19.99 17.74
C ASN D 188 -0.38 20.42 19.06
N LYS D 189 0.46 19.56 19.62
CA LYS D 189 1.07 19.87 20.89
C LYS D 189 2.08 21.02 20.76
N ALA D 190 2.86 21.02 19.68
CA ALA D 190 3.82 22.10 19.48
C ALA D 190 3.04 23.41 19.36
N LEU D 191 1.93 23.37 18.63
CA LEU D 191 1.09 24.54 18.44
C LEU D 191 0.58 25.01 19.79
N ASP D 192 0.26 24.04 20.66
CA ASP D 192 -0.25 24.34 21.98
C ASP D 192 0.79 25.08 22.80
N ARG D 193 2.03 24.60 22.78
CA ARG D 193 3.10 25.25 23.51
C ARG D 193 3.39 26.62 22.90
N LEU D 194 3.16 26.75 21.60
CA LEU D 194 3.41 28.02 20.93
C LEU D 194 2.50 29.11 21.48
N GLY D 195 1.32 28.70 21.95
CA GLY D 195 0.37 29.64 22.52
C GLY D 195 -0.32 30.56 21.53
N VAL D 196 -0.42 30.14 20.29
CA VAL D 196 -1.04 30.95 19.25
C VAL D 196 -2.12 30.13 18.55
N LYS D 197 -3.01 30.79 17.82
CA LYS D 197 -4.04 30.07 17.09
C LYS D 197 -3.41 29.44 15.84
N ARG D 198 -3.99 28.34 15.39
CA ARG D 198 -3.48 27.60 14.23
C ARG D 198 -3.18 28.47 13.00
N HIS D 199 -4.11 29.35 12.63
CA HIS D 199 -3.91 30.21 11.46
C HIS D 199 -2.92 31.33 11.71
N GLU D 200 -2.44 31.48 12.94
CA GLU D 200 -1.47 32.52 13.23
C GLU D 200 -0.05 31.96 13.28
N ALA D 201 0.07 30.64 13.12
CA ALA D 201 1.38 30.01 13.15
C ALA D 201 1.89 29.68 11.75
N ILE D 202 3.17 29.35 11.67
CA ILE D 202 3.78 28.95 10.42
C ILE D 202 4.91 27.96 10.74
N MET D 203 4.99 26.89 9.94
CA MET D 203 6.00 25.87 10.11
C MET D 203 7.15 26.19 9.14
N VAL D 204 8.36 26.29 9.69
CA VAL D 204 9.56 26.60 8.94
C VAL D 204 10.49 25.39 8.89
N GLY D 205 10.86 24.98 7.68
CA GLY D 205 11.74 23.84 7.54
C GLY D 205 12.44 23.75 6.20
N ASP D 206 13.28 22.72 6.07
CA ASP D 206 14.07 22.48 4.86
C ASP D 206 13.62 21.20 4.15
N ASN D 207 12.87 20.37 4.85
CA ASN D 207 12.43 19.11 4.28
C ASN D 207 10.96 19.12 3.87
N TYR D 208 10.70 19.02 2.58
CA TYR D 208 9.34 19.05 2.09
C TYR D 208 8.45 17.97 2.70
N LEU D 209 8.90 16.74 2.65
CA LEU D 209 8.11 15.61 3.17
C LEU D 209 7.81 15.61 4.67
N THR D 210 8.78 16.01 5.47
CA THR D 210 8.58 16.01 6.91
C THR D 210 8.07 17.31 7.51
N ASP D 211 8.58 18.44 7.02
CA ASP D 211 8.19 19.75 7.55
C ASP D 211 7.05 20.45 6.85
N ILE D 212 7.15 20.56 5.53
CA ILE D 212 6.13 21.25 4.76
C ILE D 212 4.82 20.47 4.72
N THR D 213 4.93 19.16 4.53
CA THR D 213 3.75 18.30 4.50
C THR D 213 3.10 18.38 5.87
N ALA D 214 3.92 18.54 6.91
CA ALA D 214 3.41 18.66 8.26
C ALA D 214 2.48 19.86 8.34
N GLY D 215 2.82 20.92 7.60
CA GLY D 215 1.99 22.12 7.60
C GLY D 215 0.73 21.90 6.79
N ILE D 216 0.92 21.59 5.51
CA ILE D 216 -0.19 21.35 4.58
C ILE D 216 -1.23 20.37 5.14
N LYS D 217 -0.77 19.20 5.55
CA LYS D 217 -1.64 18.15 6.09
C LYS D 217 -2.43 18.62 7.34
N ASN D 218 -1.83 19.48 8.15
CA ASN D 218 -2.46 19.93 9.38
C ASN D 218 -3.00 21.34 9.36
N ASP D 219 -3.16 21.88 8.15
CA ASP D 219 -3.69 23.21 7.98
C ASP D 219 -2.87 24.28 8.73
N ILE D 220 -1.57 24.28 8.48
CA ILE D 220 -0.68 25.27 9.07
C ILE D 220 0.18 25.82 7.93
N ALA D 221 0.33 27.13 7.90
CA ALA D 221 1.12 27.81 6.88
C ALA D 221 2.55 27.25 6.86
N THR D 222 3.19 27.33 5.71
CA THR D 222 4.53 26.79 5.57
C THR D 222 5.54 27.68 4.88
N LEU D 223 6.76 27.61 5.38
CA LEU D 223 7.90 28.36 4.84
C LEU D 223 8.98 27.32 4.57
N LEU D 224 9.28 27.10 3.30
CA LEU D 224 10.30 26.14 2.90
C LEU D 224 11.60 26.87 2.55
N VAL D 225 12.70 26.45 3.18
CA VAL D 225 14.02 27.03 2.90
C VAL D 225 14.79 26.01 2.07
N THR D 226 15.20 26.41 0.86
CA THR D 226 15.92 25.52 -0.05
C THR D 226 17.23 24.98 0.47
N THR D 227 17.55 25.29 1.72
CA THR D 227 18.77 24.75 2.30
C THR D 227 18.36 23.32 2.66
N GLY D 228 19.28 22.54 3.24
CA GLY D 228 18.95 21.19 3.64
C GLY D 228 18.44 20.23 2.58
N PHE D 229 17.73 19.20 3.06
CA PHE D 229 17.19 18.12 2.22
C PHE D 229 16.63 18.48 0.84
N THR D 230 15.49 19.16 0.80
CA THR D 230 14.86 19.54 -0.45
C THR D 230 15.62 20.58 -1.24
N LYS D 231 16.27 20.14 -2.32
CA LYS D 231 17.05 21.04 -3.17
C LYS D 231 16.14 22.03 -3.88
N PRO D 232 16.68 23.23 -4.19
CA PRO D 232 15.92 24.29 -4.86
C PRO D 232 15.36 23.95 -6.25
N GLU D 233 15.99 23.01 -6.93
CA GLU D 233 15.54 22.62 -8.27
C GLU D 233 14.33 21.71 -8.19
N GLU D 234 14.18 21.06 -7.05
CA GLU D 234 13.07 20.14 -6.82
C GLU D 234 11.74 20.83 -6.52
N VAL D 235 11.79 22.10 -6.15
CA VAL D 235 10.56 22.81 -5.79
C VAL D 235 9.48 22.94 -6.86
N PRO D 236 9.87 23.19 -8.12
CA PRO D 236 8.82 23.32 -9.14
C PRO D 236 7.96 22.06 -9.28
N ALA D 237 8.57 20.91 -9.02
CA ALA D 237 7.86 19.63 -9.15
C ALA D 237 7.05 19.19 -7.93
N LEU D 238 7.12 19.95 -6.84
CA LEU D 238 6.38 19.60 -5.63
C LEU D 238 4.87 19.52 -5.90
N PRO D 239 4.19 18.49 -5.38
CA PRO D 239 2.74 18.36 -5.59
C PRO D 239 1.92 19.54 -5.04
N ILE D 240 2.35 20.08 -3.91
CA ILE D 240 1.70 21.24 -3.28
C ILE D 240 2.80 22.22 -2.93
N GLN D 241 2.69 23.44 -3.45
CA GLN D 241 3.70 24.45 -3.17
C GLN D 241 3.56 24.97 -1.74
N PRO D 242 4.69 25.21 -1.05
CA PRO D 242 4.53 25.73 0.31
C PRO D 242 4.00 27.15 0.15
N ASP D 243 3.55 27.77 1.24
CA ASP D 243 3.05 29.12 1.12
C ASP D 243 4.17 30.08 0.74
N PHE D 244 5.39 29.79 1.22
CA PHE D 244 6.56 30.62 0.94
C PHE D 244 7.79 29.75 0.70
N VAL D 245 8.64 30.19 -0.23
CA VAL D 245 9.88 29.49 -0.54
C VAL D 245 11.02 30.50 -0.52
N LEU D 246 12.06 30.21 0.26
CA LEU D 246 13.21 31.11 0.37
C LEU D 246 14.51 30.34 0.28
N SER D 247 15.54 30.99 -0.26
CA SER D 247 16.85 30.35 -0.39
C SER D 247 17.61 30.47 0.93
N SER D 248 17.23 31.45 1.73
CA SER D 248 17.86 31.71 3.04
C SER D 248 16.86 32.35 3.98
N LEU D 249 16.92 31.97 5.25
CA LEU D 249 16.01 32.54 6.26
C LEU D 249 16.26 34.03 6.38
N ALA D 250 17.43 34.48 5.97
CA ALA D 250 17.75 35.90 6.04
C ALA D 250 16.76 36.71 5.20
N GLU D 251 16.17 36.08 4.19
CA GLU D 251 15.21 36.76 3.31
C GLU D 251 13.85 37.00 3.98
N TRP D 252 13.62 36.35 5.12
CA TRP D 252 12.35 36.49 5.81
C TRP D 252 12.22 37.80 6.57
N ASP D 253 11.08 38.46 6.37
CA ASP D 253 10.79 39.73 7.02
C ASP D 253 9.57 39.56 7.92
N PHE D 254 9.76 39.76 9.21
CA PHE D 254 8.65 39.63 10.15
C PHE D 254 7.73 40.85 10.01
#